data_4YI5
#
_entry.id   4YI5
#
_cell.length_a   128.540
_cell.length_b   128.540
_cell.length_c   116.630
_cell.angle_alpha   90.00
_cell.angle_beta   90.00
_cell.angle_gamma   90.00
#
_symmetry.space_group_name_H-M   'P 43 21 2'
#
loop_
_entity.id
_entity.type
_entity.pdbx_description
1 polymer 'Glycogen phosphorylase, muscle form'
2 non-polymer "PYRIDOXAL-5'-PHOSPHATE"
3 non-polymer N-({(2E)-3-[4-(propan-2-yl)phenyl]prop-2-enoyl}carbamoyl)-beta-D-glucopyranosylamine
4 non-polymer 'INOSINIC ACID'
5 water water
#
_entity_poly.entity_id   1
_entity_poly.type   'polypeptide(L)'
_entity_poly.pdbx_seq_one_letter_code
;MSRPLSDQEKRKQISVRGLAGVENVTELKKNFNRHLHFTLVKDRNVATPRDYYFALAHTVRDHLVGRWIRTQQHYYEKDP
KRIYYLSLEFYMGRTLQNTMVNLALENACDEATYQLGLDMEELEEIEEDAGLGNGGLGRLAACFLDSMATLGLAAYGYGI
RYEFGIFNQKICGGWQMEEADDWLRYGNPWEKARPEFTLPVHFYGRVEHTSQGAKWVDTQVVLAMPYDTPVPGYRNNVVN
TMRLWSAKAPNDFNLKDFNVGGYIQAVLDRNLAENISRVLYPNDNFFEGKELRLKQEYFVVAATLQDIIRRFKSSKFGCR
DPVRTNFDAFPDKVAIQLNDTHPSLAIPELMRVLVDLERLDWDKAWEVTVKTCAYTNHTVLPEALERWPVHLLETLLPRH
LQIIYEINQRFLNRVAAAFPGDVDRLRRMSLVEEGAVKRINMAHLCIAGSHAVNGVARIHSEILKKTIFKDFYELEPHKF
QNKTNGITPRRWLVLCNPGLAEIIAERIGEEYISDLDQLRKLLSYVDDEAFIRDVAKVKQENKLKFAAYLEREYKVHINP
NSLFDVQVKRIHEYKRQLLNCLHVITLYNRIKKEPNKFVVPRTVMIGGKAAPGYHMAKMIIKLITAIGDVVNHDPVVGDR
LRVIFLENYRVSLAEKVIPAADLSEQISTAGTEASGTGNMKFMLNGALTIGTMDGANVEMAEEAGEENFFIFGMRVEDVD
RLDQRGYNAQEYYDRIPELRQIIEQLSSGFFSPKQPDLFKDIVNMLMHHDRFKVFADYEEYVKCQERVSALYKNPREWTR
MVIRNIATSGKFSSDRTIAQYAREIWGVEPSRQRLPAPDEKIP
;
_entity_poly.pdbx_strand_id   A
#
loop_
_chem_comp.id
_chem_comp.type
_chem_comp.name
_chem_comp.formula
4D1 non-polymer N-({(2E)-3-[4-(propan-2-yl)phenyl]prop-2-enoyl}carbamoyl)-beta-D-glucopyranosylamine 'C19 H26 N2 O7'
IMP non-polymer 'INOSINIC ACID' 'C10 H13 N4 O8 P'
PLP non-polymer PYRIDOXAL-5'-PHOSPHATE 'C8 H10 N O6 P'
#
# COMPACT_ATOMS: atom_id res chain seq x y z
N GLN A 13 5.47 -23.10 -21.37
CA GLN A 13 5.92 -22.12 -22.41
C GLN A 13 7.29 -21.53 -22.05
N ILE A 14 7.40 -20.96 -20.84
CA ILE A 14 8.66 -20.37 -20.33
C ILE A 14 9.09 -21.02 -19.01
N SER A 15 10.41 -21.08 -18.81
CA SER A 15 11.02 -21.81 -17.70
C SER A 15 10.57 -21.43 -16.27
N VAL A 16 10.53 -20.13 -15.97
CA VAL A 16 10.22 -19.65 -14.60
C VAL A 16 8.79 -19.97 -14.13
N ARG A 17 7.92 -20.34 -15.06
CA ARG A 17 6.57 -20.77 -14.73
C ARG A 17 6.39 -22.25 -14.31
N GLY A 18 7.49 -23.02 -14.20
CA GLY A 18 7.46 -24.40 -13.69
C GLY A 18 7.24 -25.49 -14.75
N LEU A 19 7.19 -26.75 -14.32
CA LEU A 19 6.99 -27.90 -15.22
C LEU A 19 5.50 -28.15 -15.51
N ALA A 20 5.19 -28.60 -16.72
CA ALA A 20 3.88 -29.14 -17.04
C ALA A 20 4.00 -30.67 -17.21
N GLY A 21 4.19 -31.36 -16.09
CA GLY A 21 4.29 -32.83 -16.07
C GLY A 21 2.99 -33.52 -16.40
N VAL A 22 3.06 -34.64 -17.13
CA VAL A 22 1.86 -35.28 -17.69
C VAL A 22 0.87 -35.77 -16.60
N GLU A 23 1.39 -36.31 -15.49
CA GLU A 23 0.55 -36.63 -14.31
C GLU A 23 -0.17 -35.39 -13.79
N ASN A 24 0.60 -34.33 -13.55
CA ASN A 24 0.03 -33.11 -13.01
C ASN A 24 -1.05 -32.52 -13.91
N VAL A 25 -0.80 -32.47 -15.21
CA VAL A 25 -1.76 -31.90 -16.16
C VAL A 25 -3.04 -32.75 -16.18
N THR A 26 -2.88 -34.07 -16.17
CA THR A 26 -4.03 -34.98 -16.16
C THR A 26 -4.87 -34.83 -14.88
N GLU A 27 -4.19 -34.73 -13.75
CA GLU A 27 -4.81 -34.58 -12.43
C GLU A 27 -5.54 -33.22 -12.25
N LEU A 28 -4.94 -32.13 -12.73
CA LEU A 28 -5.59 -30.81 -12.74
C LEU A 28 -6.84 -30.78 -13.61
N LYS A 29 -6.78 -31.46 -14.76
CA LYS A 29 -7.94 -31.54 -15.64
C LYS A 29 -9.12 -32.24 -14.97
N LYS A 30 -8.89 -33.35 -14.29
CA LYS A 30 -10.01 -34.09 -13.67
C LYS A 30 -10.60 -33.35 -12.47
N ASN A 31 -9.76 -32.74 -11.65
CA ASN A 31 -10.24 -31.94 -10.52
C ASN A 31 -10.99 -30.70 -10.96
N PHE A 32 -10.58 -30.11 -12.08
CA PHE A 32 -11.30 -29.00 -12.67
C PHE A 32 -12.71 -29.45 -13.08
N ASN A 33 -12.80 -30.58 -13.75
CA ASN A 33 -14.11 -31.11 -14.19
C ASN A 33 -14.99 -31.53 -13.01
N ARG A 34 -14.37 -32.06 -11.96
CA ARG A 34 -15.06 -32.36 -10.72
C ARG A 34 -15.66 -31.09 -10.08
N HIS A 35 -14.85 -30.04 -9.93
CA HIS A 35 -15.37 -28.82 -9.29
C HIS A 35 -16.49 -28.19 -10.11
N LEU A 36 -16.37 -28.19 -11.43
CA LEU A 36 -17.40 -27.63 -12.28
C LEU A 36 -18.73 -28.36 -12.08
N HIS A 37 -18.66 -29.66 -11.84
CA HIS A 37 -19.85 -30.49 -11.67
C HIS A 37 -20.36 -30.40 -10.24
N PHE A 38 -19.56 -30.80 -9.27
CA PHE A 38 -20.03 -30.91 -7.89
C PHE A 38 -20.06 -29.59 -7.10
N THR A 39 -19.09 -28.73 -7.34
CA THR A 39 -18.97 -27.49 -6.56
C THR A 39 -19.81 -26.39 -7.17
N LEU A 40 -19.71 -26.22 -8.48
CA LEU A 40 -20.46 -25.21 -9.19
C LEU A 40 -21.83 -25.66 -9.68
N VAL A 41 -22.08 -26.97 -9.76
CA VAL A 41 -23.38 -27.53 -10.19
C VAL A 41 -23.75 -27.02 -11.59
N LYS A 42 -22.81 -27.16 -12.51
CA LYS A 42 -22.98 -26.80 -13.92
C LYS A 42 -22.49 -27.94 -14.79
N ASP A 43 -22.84 -27.89 -16.07
CA ASP A 43 -22.18 -28.72 -17.11
C ASP A 43 -21.67 -27.78 -18.20
N ARG A 44 -20.76 -28.29 -19.03
CA ARG A 44 -20.08 -27.50 -20.07
C ARG A 44 -21.00 -26.71 -21.00
N ASN A 45 -22.18 -27.25 -21.28
CA ASN A 45 -23.09 -26.66 -22.28
C ASN A 45 -23.70 -25.31 -21.88
N VAL A 46 -23.74 -25.02 -20.58
CA VAL A 46 -24.24 -23.73 -20.05
C VAL A 46 -23.26 -22.99 -19.14
N ALA A 47 -22.02 -23.48 -19.04
CA ALA A 47 -21.00 -22.83 -18.20
C ALA A 47 -20.51 -21.55 -18.89
N THR A 48 -20.25 -20.53 -18.09
CA THR A 48 -19.71 -19.26 -18.57
C THR A 48 -18.24 -19.15 -18.19
N PRO A 49 -17.53 -18.15 -18.74
CA PRO A 49 -16.15 -17.97 -18.29
C PRO A 49 -16.01 -17.79 -16.77
N ARG A 50 -16.96 -17.13 -16.12
CA ARG A 50 -16.93 -17.01 -14.66
C ARG A 50 -16.94 -18.38 -13.98
N ASP A 51 -17.76 -19.30 -14.48
CA ASP A 51 -17.80 -20.64 -13.89
C ASP A 51 -16.45 -21.33 -14.05
N TYR A 52 -15.85 -21.17 -15.23
CA TYR A 52 -14.52 -21.74 -15.48
C TYR A 52 -13.47 -21.12 -14.56
N TYR A 53 -13.51 -19.79 -14.37
CA TYR A 53 -12.64 -19.16 -13.37
C TYR A 53 -12.78 -19.83 -12.00
N PHE A 54 -14.01 -19.97 -11.50
CA PHE A 54 -14.23 -20.61 -10.20
C PHE A 54 -13.77 -22.08 -10.11
N ALA A 55 -14.01 -22.84 -11.16
CA ALA A 55 -13.52 -24.23 -11.20
C ALA A 55 -12.01 -24.28 -11.10
N LEU A 56 -11.32 -23.37 -11.79
CA LEU A 56 -9.84 -23.27 -11.68
C LEU A 56 -9.42 -22.84 -10.28
N ALA A 57 -10.08 -21.81 -9.74
CA ALA A 57 -9.75 -21.32 -8.41
C ALA A 57 -9.88 -22.39 -7.31
N HIS A 58 -10.98 -23.16 -7.34
CA HIS A 58 -11.13 -24.28 -6.39
C HIS A 58 -10.05 -25.36 -6.57
N THR A 59 -9.69 -25.61 -7.83
CA THR A 59 -8.68 -26.62 -8.22
C THR A 59 -7.32 -26.25 -7.63
N VAL A 60 -6.96 -24.97 -7.78
CA VAL A 60 -5.69 -24.44 -7.24
C VAL A 60 -5.72 -24.36 -5.70
N ARG A 61 -6.84 -23.91 -5.13
CA ARG A 61 -7.03 -23.86 -3.69
C ARG A 61 -6.83 -25.22 -3.03
N ASP A 62 -7.32 -26.30 -3.65
CA ASP A 62 -7.08 -27.66 -3.11
C ASP A 62 -5.61 -27.95 -2.83
N HIS A 63 -4.72 -27.47 -3.69
CA HIS A 63 -3.27 -27.65 -3.50
C HIS A 63 -2.68 -26.91 -2.32
N LEU A 64 -3.34 -25.84 -1.88
CA LEU A 64 -2.92 -25.12 -0.67
C LEU A 64 -3.25 -25.81 0.65
N VAL A 65 -4.38 -26.51 0.72
CA VAL A 65 -4.93 -26.90 2.02
C VAL A 65 -4.05 -27.86 2.81
N GLY A 66 -3.44 -28.85 2.15
CA GLY A 66 -2.52 -29.75 2.84
C GLY A 66 -1.38 -29.01 3.51
N ARG A 67 -0.75 -28.14 2.73
CA ARG A 67 0.38 -27.33 3.20
C ARG A 67 -0.04 -26.34 4.31
N TRP A 68 -1.24 -25.81 4.19
CA TRP A 68 -1.84 -24.91 5.19
C TRP A 68 -2.06 -25.62 6.53
N ILE A 69 -2.70 -26.80 6.49
CA ILE A 69 -2.94 -27.59 7.71
C ILE A 69 -1.61 -27.98 8.39
N ARG A 70 -0.64 -28.47 7.63
CA ARG A 70 0.60 -28.90 8.23
C ARG A 70 1.54 -27.74 8.62
N THR A 71 1.48 -26.59 7.95
CA THR A 71 2.20 -25.39 8.45
C THR A 71 1.70 -25.00 9.84
N GLN A 72 0.39 -24.85 10.00
CA GLN A 72 -0.16 -24.46 11.30
C GLN A 72 0.08 -25.52 12.37
N GLN A 73 0.01 -26.81 11.99
CA GLN A 73 0.35 -27.91 12.92
C GLN A 73 1.81 -27.81 13.35
N HIS A 74 2.71 -27.60 12.37
CA HIS A 74 4.13 -27.34 12.62
C HIS A 74 4.33 -26.25 13.69
N TYR A 75 3.64 -25.10 13.55
CA TYR A 75 3.77 -24.01 14.53
C TYR A 75 3.28 -24.41 15.93
N TYR A 76 2.21 -25.21 16.00
CA TYR A 76 1.73 -25.77 17.28
C TYR A 76 2.78 -26.67 17.96
N GLU A 77 3.44 -27.51 17.17
CA GLU A 77 4.45 -28.47 17.68
C GLU A 77 5.72 -27.77 18.17
N LYS A 78 6.33 -26.98 17.30
CA LYS A 78 7.60 -26.32 17.57
C LYS A 78 7.49 -25.07 18.47
N ASP A 79 6.29 -24.49 18.58
CA ASP A 79 6.06 -23.29 19.42
C ASP A 79 7.10 -22.16 19.23
N PRO A 80 7.31 -21.71 17.99
CA PRO A 80 8.23 -20.60 17.75
C PRO A 80 7.59 -19.30 18.23
N LYS A 81 8.39 -18.24 18.34
CA LYS A 81 7.83 -16.90 18.55
C LYS A 81 6.90 -16.48 17.40
N ARG A 82 5.70 -16.02 17.74
CA ARG A 82 4.70 -15.62 16.76
C ARG A 82 4.74 -14.12 16.50
N ILE A 83 4.65 -13.76 15.23
CA ILE A 83 4.61 -12.37 14.78
C ILE A 83 3.20 -12.02 14.32
N TYR A 84 2.61 -11.01 14.95
CA TYR A 84 1.26 -10.57 14.63
C TYR A 84 1.33 -9.20 13.99
N TYR A 85 0.96 -9.13 12.71
CA TYR A 85 1.00 -7.89 11.96
C TYR A 85 -0.42 -7.30 11.91
N LEU A 86 -0.66 -6.27 12.72
CA LEU A 86 -1.97 -5.63 12.84
C LEU A 86 -2.05 -4.44 11.89
N SER A 87 -3.03 -4.50 10.99
CA SER A 87 -3.27 -3.47 10.00
C SER A 87 -4.76 -3.30 9.75
N LEU A 88 -5.17 -2.07 9.49
CA LEU A 88 -6.53 -1.82 9.08
C LEU A 88 -6.69 -2.00 7.59
N GLU A 89 -5.59 -2.23 6.86
CA GLU A 89 -5.64 -2.38 5.41
C GLU A 89 -4.75 -3.51 4.95
N PHE A 90 -5.27 -4.31 4.03
CA PHE A 90 -4.44 -5.34 3.36
C PHE A 90 -4.81 -5.30 1.90
N TYR A 91 -4.02 -4.64 1.07
CA TYR A 91 -4.41 -4.41 -0.32
C TYR A 91 -3.90 -5.58 -1.19
N MET A 92 -4.69 -6.66 -1.28
CA MET A 92 -4.16 -7.94 -1.79
C MET A 92 -4.21 -8.09 -3.30
N GLY A 93 -5.16 -7.42 -3.95
CA GLY A 93 -5.40 -7.61 -5.37
C GLY A 93 -5.89 -9.03 -5.60
N ARG A 94 -5.50 -9.61 -6.73
CA ARG A 94 -5.98 -10.94 -7.12
C ARG A 94 -5.09 -12.00 -6.51
N THR A 95 -5.67 -13.17 -6.31
CA THR A 95 -5.02 -14.30 -5.65
C THR A 95 -4.65 -15.47 -6.57
N LEU A 96 -5.36 -15.66 -7.68
CA LEU A 96 -5.20 -16.92 -8.44
C LEU A 96 -3.78 -17.07 -9.00
N GLN A 97 -3.30 -16.08 -9.77
CA GLN A 97 -1.97 -16.19 -10.37
C GLN A 97 -0.87 -16.23 -9.34
N ASN A 98 -1.00 -15.41 -8.28
CA ASN A 98 0.00 -15.39 -7.19
C ASN A 98 0.15 -16.72 -6.48
N THR A 99 -0.96 -17.41 -6.29
CA THR A 99 -0.94 -18.75 -5.72
C THR A 99 -0.26 -19.76 -6.65
N MET A 100 -0.57 -19.68 -7.94
CA MET A 100 0.04 -20.56 -8.94
C MET A 100 1.54 -20.35 -8.97
N VAL A 101 1.96 -19.08 -8.98
CA VAL A 101 3.39 -18.75 -9.00
C VAL A 101 4.09 -19.37 -7.80
N ASN A 102 3.51 -19.19 -6.61
CA ASN A 102 4.16 -19.63 -5.39
C ASN A 102 4.19 -21.14 -5.19
N LEU A 103 3.28 -21.86 -5.83
CA LEU A 103 3.21 -23.32 -5.76
C LEU A 103 3.86 -24.02 -6.98
N ALA A 104 4.39 -23.24 -7.92
CA ALA A 104 4.99 -23.71 -9.18
C ALA A 104 4.00 -24.45 -10.10
N LEU A 105 2.76 -23.94 -10.18
CA LEU A 105 1.67 -24.60 -10.91
C LEU A 105 1.25 -23.86 -12.16
N GLU A 106 1.90 -22.75 -12.48
CA GLU A 106 1.41 -21.87 -13.56
C GLU A 106 1.39 -22.52 -14.96
N ASN A 107 2.50 -23.13 -15.37
CA ASN A 107 2.56 -23.81 -16.69
C ASN A 107 1.63 -25.03 -16.74
N ALA A 108 1.58 -25.78 -15.65
CA ALA A 108 0.68 -26.94 -15.52
C ALA A 108 -0.77 -26.53 -15.76
N CYS A 109 -1.22 -25.49 -15.03
CA CYS A 109 -2.59 -25.00 -15.18
C CYS A 109 -2.82 -24.45 -16.58
N ASP A 110 -1.80 -23.78 -17.13
CA ASP A 110 -1.90 -23.21 -18.48
C ASP A 110 -2.14 -24.32 -19.52
N GLU A 111 -1.38 -25.40 -19.38
CA GLU A 111 -1.51 -26.59 -20.23
C GLU A 111 -2.86 -27.28 -20.01
N ALA A 112 -3.19 -27.59 -18.75
CA ALA A 112 -4.48 -28.19 -18.39
C ALA A 112 -5.68 -27.44 -18.96
N THR A 113 -5.70 -26.10 -18.82
CA THR A 113 -6.83 -25.30 -19.31
C THR A 113 -6.82 -25.24 -20.84
N TYR A 114 -5.63 -25.10 -21.42
CA TYR A 114 -5.47 -25.18 -22.88
C TYR A 114 -6.05 -26.49 -23.47
N GLN A 115 -5.82 -27.61 -22.79
CA GLN A 115 -6.35 -28.91 -23.25
C GLN A 115 -7.88 -29.04 -23.12
N LEU A 116 -8.45 -28.30 -22.18
CA LEU A 116 -9.90 -28.15 -22.03
C LEU A 116 -10.51 -27.08 -22.94
N GLY A 117 -9.71 -26.46 -23.81
CA GLY A 117 -10.20 -25.47 -24.77
C GLY A 117 -10.41 -24.08 -24.21
N LEU A 118 -9.67 -23.73 -23.15
CA LEU A 118 -9.84 -22.44 -22.47
C LEU A 118 -8.52 -21.69 -22.44
N ASP A 119 -8.64 -20.37 -22.34
CA ASP A 119 -7.50 -19.46 -22.22
C ASP A 119 -7.38 -18.98 -20.77
N MET A 120 -6.34 -19.41 -20.08
CA MET A 120 -6.17 -19.08 -18.66
C MET A 120 -6.03 -17.60 -18.38
N GLU A 121 -5.43 -16.83 -19.30
CA GLU A 121 -5.33 -15.37 -19.14
C GLU A 121 -6.70 -14.70 -19.05
N GLU A 122 -7.63 -15.20 -19.84
CA GLU A 122 -9.00 -14.68 -19.84
C GLU A 122 -9.72 -15.01 -18.53
N LEU A 123 -9.49 -16.20 -18.00
CA LEU A 123 -10.07 -16.61 -16.70
C LEU A 123 -9.51 -15.78 -15.53
N GLU A 124 -8.22 -15.45 -15.61
CA GLU A 124 -7.56 -14.59 -14.59
C GLU A 124 -8.19 -13.19 -14.47
N GLU A 125 -8.60 -12.63 -15.61
CA GLU A 125 -9.22 -11.31 -15.64
C GLU A 125 -10.61 -11.23 -14.98
N ILE A 126 -11.26 -12.38 -14.76
CA ILE A 126 -12.58 -12.42 -14.11
C ILE A 126 -12.50 -12.19 -12.60
N GLU A 127 -11.39 -12.55 -12.00
CA GLU A 127 -11.24 -12.42 -10.54
C GLU A 127 -11.31 -10.94 -10.12
N GLU A 128 -12.10 -10.65 -9.10
CA GLU A 128 -12.16 -9.30 -8.50
C GLU A 128 -10.90 -9.09 -7.66
N ASP A 129 -10.34 -7.88 -7.66
CA ASP A 129 -9.32 -7.54 -6.64
C ASP A 129 -9.90 -7.58 -5.21
N ALA A 130 -9.13 -8.06 -4.25
CA ALA A 130 -9.45 -7.81 -2.85
C ALA A 130 -8.87 -6.42 -2.54
N GLY A 131 -9.69 -5.41 -2.74
CA GLY A 131 -9.26 -4.02 -2.60
C GLY A 131 -9.43 -3.46 -1.21
N LEU A 132 -8.90 -4.17 -0.20
CA LEU A 132 -9.08 -3.79 1.20
C LEU A 132 -8.01 -2.80 1.70
N GLY A 133 -7.61 -1.87 0.85
CA GLY A 133 -6.72 -0.76 1.26
C GLY A 133 -6.75 0.36 0.26
N ASN A 134 -6.09 1.45 0.64
CA ASN A 134 -6.15 2.71 -0.08
C ASN A 134 -5.02 2.86 -1.10
N GLY A 135 -3.83 2.44 -0.72
CA GLY A 135 -2.65 2.62 -1.57
C GLY A 135 -1.47 1.98 -0.92
N GLY A 136 -0.42 2.77 -0.66
CA GLY A 136 0.91 2.27 -0.27
C GLY A 136 0.97 1.48 1.03
N LEU A 137 0.34 2.00 2.08
CA LEU A 137 0.33 1.39 3.40
C LEU A 137 -0.33 0.00 3.35
N GLY A 138 -1.45 -0.07 2.65
CA GLY A 138 -2.20 -1.30 2.46
C GLY A 138 -1.46 -2.28 1.61
N ARG A 139 -0.81 -1.79 0.56
CA ARG A 139 -0.05 -2.69 -0.31
C ARG A 139 1.23 -3.21 0.35
N LEU A 140 1.83 -2.40 1.21
CA LEU A 140 3.02 -2.81 2.00
C LEU A 140 2.69 -4.00 2.91
N ALA A 141 1.55 -3.93 3.59
CA ALA A 141 1.09 -5.02 4.39
C ALA A 141 0.97 -6.30 3.56
N ALA A 142 0.47 -6.20 2.32
CA ALA A 142 0.35 -7.38 1.45
C ALA A 142 1.69 -7.94 0.97
N CYS A 143 2.60 -7.08 0.58
CA CYS A 143 3.98 -7.49 0.27
C CYS A 143 4.66 -8.12 1.47
N PHE A 144 4.45 -7.54 2.65
CA PHE A 144 4.99 -8.11 3.88
C PHE A 144 4.49 -9.54 4.17
N LEU A 145 3.18 -9.80 4.00
CA LEU A 145 2.69 -11.16 4.26
C LEU A 145 3.41 -12.17 3.36
N ASP A 146 3.54 -11.82 2.08
CA ASP A 146 4.23 -12.65 1.10
C ASP A 146 5.68 -12.94 1.54
N SER A 147 6.40 -11.90 1.98
CA SER A 147 7.81 -12.07 2.42
C SER A 147 7.94 -12.89 3.72
N MET A 148 7.01 -12.70 4.65
CA MET A 148 7.10 -13.42 5.92
C MET A 148 6.90 -14.91 5.69
N ALA A 149 5.97 -15.27 4.79
CA ALA A 149 5.75 -16.67 4.39
C ALA A 149 6.96 -17.24 3.68
N THR A 150 7.53 -16.44 2.77
CA THR A 150 8.72 -16.82 2.00
C THR A 150 9.96 -17.06 2.88
N LEU A 151 10.06 -16.30 3.96
CA LEU A 151 11.15 -16.41 4.94
C LEU A 151 10.83 -17.26 6.17
N GLY A 152 9.72 -17.99 6.12
CA GLY A 152 9.44 -19.04 7.09
C GLY A 152 9.13 -18.58 8.48
N LEU A 153 8.61 -17.35 8.60
CA LEU A 153 8.27 -16.80 9.90
C LEU A 153 6.85 -17.21 10.25
N ALA A 154 6.63 -17.50 11.52
CA ALA A 154 5.32 -17.88 12.01
C ALA A 154 4.51 -16.61 12.18
N ALA A 155 3.99 -16.10 11.06
CA ALA A 155 3.39 -14.77 11.00
C ALA A 155 1.93 -14.86 10.62
N TYR A 156 1.16 -13.94 11.20
CA TYR A 156 -0.28 -13.85 11.05
C TYR A 156 -0.61 -12.40 10.76
N GLY A 157 -1.31 -12.15 9.67
CA GLY A 157 -1.89 -10.84 9.42
C GLY A 157 -3.28 -10.80 10.02
N TYR A 158 -3.63 -9.70 10.69
CA TYR A 158 -4.94 -9.55 11.35
C TYR A 158 -5.53 -8.19 10.93
N GLY A 159 -6.78 -8.20 10.50
CA GLY A 159 -7.43 -7.03 9.91
C GLY A 159 -8.94 -7.15 9.99
N ILE A 160 -9.62 -6.39 9.12
CA ILE A 160 -11.08 -6.37 9.04
C ILE A 160 -11.45 -6.83 7.66
N ARG A 161 -12.43 -7.73 7.60
CA ARG A 161 -13.02 -8.14 6.33
C ARG A 161 -14.07 -7.12 5.92
N TYR A 162 -13.65 -6.13 5.14
CA TYR A 162 -14.62 -5.10 4.73
C TYR A 162 -15.52 -5.73 3.69
N GLU A 163 -16.82 -5.47 3.82
CA GLU A 163 -17.75 -5.87 2.77
C GLU A 163 -17.53 -5.06 1.50
N PHE A 164 -17.15 -3.79 1.66
CA PHE A 164 -16.88 -2.92 0.52
C PHE A 164 -15.49 -2.32 0.72
N GLY A 165 -14.59 -2.61 -0.21
CA GLY A 165 -13.22 -2.10 -0.19
C GLY A 165 -13.15 -0.74 -0.81
N ILE A 166 -12.00 -0.40 -1.39
CA ILE A 166 -11.84 0.95 -1.94
C ILE A 166 -12.80 1.07 -3.16
N PHE A 167 -13.55 2.16 -3.23
CA PHE A 167 -14.54 2.38 -4.29
C PHE A 167 -13.97 2.22 -5.71
N ASN A 168 -14.80 1.72 -6.62
CA ASN A 168 -14.48 1.75 -8.03
C ASN A 168 -14.66 3.19 -8.52
N GLN A 169 -13.67 3.70 -9.25
CA GLN A 169 -13.71 5.04 -9.80
C GLN A 169 -14.24 5.01 -11.23
N LYS A 170 -15.27 5.81 -11.48
CA LYS A 170 -15.78 6.08 -12.82
C LYS A 170 -15.45 7.53 -13.11
N ILE A 171 -15.10 7.84 -14.35
CA ILE A 171 -14.93 9.23 -14.80
C ILE A 171 -16.15 9.58 -15.67
N CYS A 172 -16.93 10.57 -15.22
CA CYS A 172 -18.10 11.07 -15.95
CA CYS A 172 -18.12 11.06 -15.92
C CYS A 172 -17.92 12.55 -16.19
N GLY A 173 -17.90 12.93 -17.47
CA GLY A 173 -17.64 14.33 -17.87
C GLY A 173 -16.32 14.87 -17.35
N GLY A 174 -15.33 13.99 -17.26
CA GLY A 174 -14.05 14.30 -16.66
C GLY A 174 -13.98 14.42 -15.13
N TRP A 175 -15.06 14.06 -14.42
CA TRP A 175 -15.10 14.11 -12.96
C TRP A 175 -15.10 12.71 -12.37
N GLN A 176 -14.47 12.55 -11.21
CA GLN A 176 -14.52 11.28 -10.49
C GLN A 176 -15.92 11.06 -9.95
N MET A 177 -16.48 9.88 -10.25
CA MET A 177 -17.66 9.34 -9.58
C MET A 177 -17.20 8.12 -8.81
N GLU A 178 -17.74 7.91 -7.60
CA GLU A 178 -17.42 6.73 -6.78
C GLU A 178 -18.57 5.75 -6.82
N GLU A 179 -18.28 4.47 -7.07
CA GLU A 179 -19.30 3.44 -6.84
C GLU A 179 -18.78 2.32 -5.97
N ALA A 180 -19.70 1.70 -5.22
CA ALA A 180 -19.34 0.71 -4.22
C ALA A 180 -18.64 -0.50 -4.85
N ASP A 181 -17.58 -0.95 -4.19
CA ASP A 181 -16.79 -2.09 -4.62
C ASP A 181 -17.41 -3.32 -3.95
N ASP A 182 -18.48 -3.84 -4.56
CA ASP A 182 -19.16 -5.03 -4.04
C ASP A 182 -18.37 -6.30 -4.43
N TRP A 183 -17.16 -6.42 -3.89
CA TRP A 183 -16.19 -7.46 -4.31
C TRP A 183 -16.57 -8.88 -3.92
N LEU A 184 -17.48 -9.04 -2.96
CA LEU A 184 -17.92 -10.37 -2.53
C LEU A 184 -19.19 -10.88 -3.24
N ARG A 185 -19.71 -10.13 -4.21
CA ARG A 185 -20.98 -10.48 -4.89
C ARG A 185 -21.06 -11.91 -5.41
N TYR A 186 -20.02 -12.37 -6.12
CA TYR A 186 -19.98 -13.72 -6.67
C TYR A 186 -19.30 -14.75 -5.76
N GLY A 187 -18.94 -14.36 -4.52
CA GLY A 187 -18.27 -15.24 -3.59
C GLY A 187 -16.76 -15.03 -3.60
N ASN A 188 -16.10 -15.51 -2.56
CA ASN A 188 -14.65 -15.46 -2.41
C ASN A 188 -14.13 -16.90 -2.16
N PRO A 189 -13.60 -17.54 -3.20
CA PRO A 189 -13.14 -18.93 -3.04
C PRO A 189 -11.91 -19.08 -2.13
N TRP A 190 -11.17 -18.01 -1.86
CA TRP A 190 -9.92 -18.12 -1.08
C TRP A 190 -10.13 -18.15 0.43
N GLU A 191 -11.23 -17.57 0.93
CA GLU A 191 -11.42 -17.45 2.35
C GLU A 191 -12.12 -18.65 2.94
N LYS A 192 -11.83 -18.94 4.21
CA LYS A 192 -12.62 -19.90 4.99
C LYS A 192 -13.22 -19.25 6.24
N ALA A 193 -14.54 -19.11 6.28
CA ALA A 193 -15.24 -18.66 7.48
C ALA A 193 -14.97 -19.61 8.63
N ARG A 194 -14.73 -19.05 9.81
CA ARG A 194 -14.51 -19.84 11.00
C ARG A 194 -15.48 -19.39 12.10
N PRO A 195 -16.80 -19.54 11.87
CA PRO A 195 -17.80 -19.05 12.84
C PRO A 195 -17.66 -19.68 14.23
N GLU A 196 -17.06 -20.87 14.29
CA GLU A 196 -16.74 -21.55 15.54
C GLU A 196 -15.73 -20.84 16.46
N PHE A 197 -14.89 -19.97 15.90
CA PHE A 197 -13.89 -19.19 16.66
C PHE A 197 -14.33 -17.71 16.89
N THR A 198 -15.64 -17.47 16.84
CA THR A 198 -16.23 -16.14 17.06
C THR A 198 -15.99 -15.66 18.50
N LEU A 199 -15.71 -14.36 18.65
CA LEU A 199 -15.28 -13.77 19.92
C LEU A 199 -16.08 -12.49 20.20
N PRO A 200 -16.33 -12.19 21.48
CA PRO A 200 -17.07 -10.96 21.76
C PRO A 200 -16.16 -9.73 21.90
N VAL A 201 -16.67 -8.58 21.46
CA VAL A 201 -15.98 -7.30 21.64
C VAL A 201 -16.96 -6.35 22.31
N HIS A 202 -16.47 -5.61 23.29
CA HIS A 202 -17.32 -4.70 24.11
C HIS A 202 -17.20 -3.23 23.75
N PHE A 203 -18.29 -2.48 23.90
CA PHE A 203 -18.30 -1.06 23.61
C PHE A 203 -19.18 -0.37 24.65
N TYR A 204 -18.91 0.92 24.85
CA TYR A 204 -19.71 1.81 25.74
C TYR A 204 -19.59 1.31 27.19
N GLY A 205 -20.69 1.25 27.95
CA GLY A 205 -20.61 0.87 29.34
C GLY A 205 -19.97 1.93 30.22
N ARG A 206 -19.51 1.48 31.38
CA ARG A 206 -18.98 2.38 32.40
C ARG A 206 -18.04 1.59 33.28
N VAL A 207 -17.21 2.30 34.02
CA VAL A 207 -16.20 1.68 34.85
C VAL A 207 -16.64 1.70 36.32
N GLU A 208 -16.52 0.54 36.97
CA GLU A 208 -16.82 0.36 38.39
C GLU A 208 -15.52 0.13 39.14
N HIS A 209 -15.30 0.87 40.22
CA HIS A 209 -14.11 0.66 41.07
C HIS A 209 -14.49 -0.09 42.33
N THR A 210 -14.22 -1.39 42.35
CA THR A 210 -14.50 -2.25 43.50
C THR A 210 -13.31 -2.25 44.46
N SER A 211 -13.39 -3.07 45.50
CA SER A 211 -12.25 -3.35 46.38
C SER A 211 -11.07 -3.95 45.62
N GLN A 212 -11.39 -4.89 44.73
CA GLN A 212 -10.38 -5.65 43.98
C GLN A 212 -10.26 -5.19 42.51
N GLY A 213 -10.03 -3.88 42.31
CA GLY A 213 -9.74 -3.31 41.00
C GLY A 213 -10.95 -2.90 40.17
N ALA A 214 -10.68 -2.29 39.01
CA ALA A 214 -11.71 -1.76 38.12
C ALA A 214 -12.45 -2.85 37.34
N LYS A 215 -13.71 -2.59 37.02
CA LYS A 215 -14.55 -3.47 36.20
C LYS A 215 -15.24 -2.66 35.14
N TRP A 216 -15.16 -3.11 33.89
CA TRP A 216 -15.87 -2.47 32.79
C TRP A 216 -17.20 -3.20 32.61
N VAL A 217 -18.31 -2.51 32.87
CA VAL A 217 -19.66 -3.12 32.94
C VAL A 217 -20.68 -2.39 32.06
N ASP A 218 -21.84 -3.01 31.91
CA ASP A 218 -23.00 -2.50 31.14
C ASP A 218 -22.63 -2.23 29.70
N THR A 219 -21.80 -3.09 29.12
CA THR A 219 -21.32 -2.85 27.77
C THR A 219 -22.30 -3.41 26.73
N GLN A 220 -22.29 -2.85 25.53
CA GLN A 220 -22.93 -3.47 24.38
C GLN A 220 -21.91 -4.40 23.73
N VAL A 221 -22.37 -5.55 23.24
CA VAL A 221 -21.51 -6.58 22.65
C VAL A 221 -21.71 -6.67 21.13
N VAL A 222 -20.59 -6.76 20.40
CA VAL A 222 -20.61 -7.11 18.98
C VAL A 222 -19.70 -8.32 18.86
N LEU A 223 -20.11 -9.31 18.09
CA LEU A 223 -19.29 -10.51 17.85
C LEU A 223 -18.34 -10.26 16.70
N ALA A 224 -17.15 -10.84 16.81
CA ALA A 224 -16.14 -10.81 15.75
C ALA A 224 -15.99 -12.25 15.24
N MET A 225 -16.42 -12.47 14.02
CA MET A 225 -16.29 -13.74 13.34
C MET A 225 -15.07 -13.71 12.40
N PRO A 226 -14.13 -14.65 12.58
CA PRO A 226 -12.97 -14.66 11.69
C PRO A 226 -13.19 -15.37 10.37
N TYR A 227 -12.53 -14.85 9.33
CA TYR A 227 -12.39 -15.52 8.05
C TYR A 227 -10.89 -15.64 7.79
N ASP A 228 -10.44 -16.83 7.45
CA ASP A 228 -9.01 -17.11 7.23
C ASP A 228 -8.67 -17.24 5.74
N THR A 229 -7.58 -16.59 5.32
CA THR A 229 -7.13 -16.63 3.93
C THR A 229 -5.69 -17.14 3.93
N PRO A 230 -5.39 -18.14 3.08
CA PRO A 230 -4.00 -18.65 3.05
C PRO A 230 -3.02 -17.74 2.33
N VAL A 231 -1.82 -17.68 2.86
CA VAL A 231 -0.75 -16.84 2.35
C VAL A 231 0.44 -17.79 2.05
N PRO A 232 0.58 -18.21 0.79
CA PRO A 232 1.64 -19.15 0.42
C PRO A 232 3.01 -18.47 0.30
N GLY A 233 4.05 -19.11 0.82
CA GLY A 233 5.42 -18.64 0.56
C GLY A 233 5.89 -19.18 -0.76
N TYR A 234 6.96 -18.60 -1.31
CA TYR A 234 7.44 -18.91 -2.65
C TYR A 234 8.20 -20.24 -2.63
N ARG A 235 7.53 -21.27 -3.11
CA ARG A 235 8.11 -22.62 -3.31
C ARG A 235 8.79 -23.29 -2.11
N ASN A 236 8.25 -23.00 -0.95
CA ASN A 236 8.78 -23.52 0.29
C ASN A 236 7.78 -24.34 1.12
N ASN A 237 6.59 -24.55 0.54
CA ASN A 237 5.46 -25.27 1.16
C ASN A 237 4.92 -24.68 2.47
N VAL A 238 5.31 -23.44 2.80
CA VAL A 238 4.81 -22.73 3.97
C VAL A 238 3.53 -22.01 3.53
N VAL A 239 2.48 -22.13 4.33
CA VAL A 239 1.23 -21.39 4.09
C VAL A 239 0.81 -20.80 5.46
N ASN A 240 0.90 -19.47 5.53
CA ASN A 240 0.54 -18.73 6.71
C ASN A 240 -0.88 -18.26 6.56
N THR A 241 -1.40 -17.60 7.59
CA THR A 241 -2.80 -17.17 7.61
C THR A 241 -2.96 -15.64 7.70
N MET A 242 -3.89 -15.10 6.94
CA MET A 242 -4.42 -13.75 7.18
C MET A 242 -5.82 -13.97 7.75
N ARG A 243 -6.05 -13.47 8.97
CA ARG A 243 -7.34 -13.63 9.62
C ARG A 243 -8.03 -12.26 9.65
N LEU A 244 -9.18 -12.15 8.98
CA LEU A 244 -9.92 -10.91 8.90
C LEU A 244 -11.26 -11.06 9.61
N TRP A 245 -11.56 -10.08 10.48
CA TRP A 245 -12.71 -10.16 11.36
C TRP A 245 -13.92 -9.49 10.69
N SER A 246 -15.08 -10.14 10.84
CA SER A 246 -16.36 -9.62 10.37
C SER A 246 -17.31 -9.40 11.56
N ALA A 247 -18.08 -8.33 11.54
CA ALA A 247 -18.91 -7.93 12.69
C ALA A 247 -20.29 -8.60 12.61
N LYS A 248 -20.73 -9.18 13.73
CA LYS A 248 -22.00 -9.90 13.81
C LYS A 248 -22.73 -9.48 15.08
N ALA A 249 -24.05 -9.29 14.97
CA ALA A 249 -24.87 -8.96 16.13
C ALA A 249 -25.04 -10.21 17.01
N PRO A 250 -25.09 -10.04 18.35
CA PRO A 250 -25.52 -11.19 19.16
C PRO A 250 -27.03 -11.49 18.98
N ASN A 251 -27.48 -12.72 19.27
CA ASN A 251 -28.89 -13.12 19.00
C ASN A 251 -29.95 -12.56 19.95
N ASP A 252 -29.53 -12.05 21.11
CA ASP A 252 -30.40 -11.29 22.02
C ASP A 252 -30.42 -9.76 21.75
N PHE A 253 -29.67 -9.30 20.73
CA PHE A 253 -29.53 -7.85 20.40
C PHE A 253 -30.88 -7.21 20.06
N ASN A 254 -31.17 -6.08 20.71
CA ASN A 254 -32.49 -5.42 20.66
C ASN A 254 -33.67 -6.29 21.15
N LEU A 255 -33.37 -7.36 21.91
CA LEU A 255 -34.37 -8.39 22.25
C LEU A 255 -34.06 -9.03 23.61
N GLY A 262 -40.67 -2.64 18.08
CA GLY A 262 -41.32 -3.80 17.49
C GLY A 262 -40.33 -4.94 17.28
N TYR A 263 -40.84 -6.16 17.23
CA TYR A 263 -40.00 -7.35 16.91
C TYR A 263 -39.27 -7.15 15.58
N ILE A 264 -39.98 -6.71 14.54
CA ILE A 264 -39.39 -6.57 13.20
C ILE A 264 -38.23 -5.58 13.24
N GLN A 265 -38.45 -4.43 13.86
CA GLN A 265 -37.40 -3.40 13.94
C GLN A 265 -36.16 -3.86 14.71
N ALA A 266 -36.36 -4.63 15.78
CA ALA A 266 -35.22 -5.20 16.54
C ALA A 266 -34.32 -6.10 15.67
N VAL A 267 -34.94 -6.91 14.82
CA VAL A 267 -34.20 -7.71 13.85
C VAL A 267 -33.51 -6.80 12.84
N LEU A 268 -34.22 -5.80 12.32
CA LEU A 268 -33.63 -4.90 11.33
C LEU A 268 -32.48 -4.08 11.91
N ASP A 269 -32.55 -3.77 13.20
CA ASP A 269 -31.48 -2.99 13.86
C ASP A 269 -30.18 -3.73 14.11
N ARG A 270 -30.16 -5.05 13.87
CA ARG A 270 -28.90 -5.79 13.86
C ARG A 270 -27.87 -5.20 12.89
N ASN A 271 -28.35 -4.57 11.81
CA ASN A 271 -27.49 -3.81 10.88
C ASN A 271 -26.59 -2.78 11.54
N LEU A 272 -27.05 -2.14 12.61
CA LEU A 272 -26.25 -1.12 13.30
C LEU A 272 -24.92 -1.69 13.82
N ALA A 273 -24.99 -2.85 14.46
CA ALA A 273 -23.78 -3.55 14.94
C ALA A 273 -22.88 -4.06 13.80
N GLU A 274 -23.50 -4.56 12.74
CA GLU A 274 -22.78 -5.21 11.64
C GLU A 274 -22.15 -4.19 10.68
N ASN A 275 -22.56 -2.92 10.78
CA ASN A 275 -21.95 -1.85 10.01
C ASN A 275 -20.46 -1.62 10.30
N ILE A 276 -19.98 -2.07 11.45
CA ILE A 276 -18.57 -1.94 11.81
C ILE A 276 -17.65 -2.45 10.70
N SER A 277 -17.95 -3.61 10.13
CA SER A 277 -17.11 -4.15 9.08
C SER A 277 -17.62 -3.89 7.64
N ARG A 278 -18.48 -2.89 7.44
CA ARG A 278 -19.12 -2.73 6.15
C ARG A 278 -18.23 -2.08 5.09
N VAL A 279 -17.44 -1.06 5.45
CA VAL A 279 -16.74 -0.29 4.44
C VAL A 279 -15.39 0.32 4.91
N LEU A 280 -14.42 0.27 4.01
CA LEU A 280 -13.11 0.86 4.24
C LEU A 280 -13.22 2.37 4.11
N TYR A 281 -12.68 3.08 5.09
CA TYR A 281 -12.54 4.55 4.99
C TYR A 281 -11.52 4.95 3.91
N PRO A 282 -11.93 5.75 2.90
CA PRO A 282 -11.04 6.11 1.80
C PRO A 282 -10.31 7.46 1.92
N ASN A 283 -10.41 8.11 3.08
CA ASN A 283 -9.88 9.49 3.25
C ASN A 283 -8.46 9.43 3.78
N ASP A 284 -7.53 9.27 2.84
CA ASP A 284 -6.12 9.07 3.17
C ASP A 284 -5.30 10.37 3.24
N ASN A 285 -5.97 11.52 3.18
CA ASN A 285 -5.26 12.82 3.21
C ASN A 285 -5.36 13.54 4.52
N PHE A 286 -6.51 13.40 5.17
CA PHE A 286 -6.89 14.32 6.24
C PHE A 286 -7.57 13.52 7.35
N PHE A 287 -7.04 13.59 8.55
CA PHE A 287 -7.71 12.92 9.66
C PHE A 287 -9.05 13.57 10.01
N GLU A 288 -10.10 12.74 10.04
CA GLU A 288 -11.43 13.10 10.47
C GLU A 288 -11.85 12.09 11.52
N GLY A 289 -12.12 12.55 12.74
CA GLY A 289 -12.53 11.68 13.85
C GLY A 289 -14.00 11.25 13.78
N LYS A 290 -14.26 10.12 13.12
CA LYS A 290 -15.61 9.59 12.99
C LYS A 290 -15.75 8.37 13.90
N GLU A 291 -16.82 8.33 14.70
CA GLU A 291 -17.05 7.23 15.67
C GLU A 291 -16.97 5.83 15.02
N LEU A 292 -17.55 5.68 13.84
CA LEU A 292 -17.54 4.37 13.18
C LEU A 292 -16.09 3.86 12.88
N ARG A 293 -15.18 4.77 12.57
CA ARG A 293 -13.77 4.39 12.34
C ARG A 293 -13.12 4.00 13.63
N LEU A 294 -13.41 4.72 14.71
CA LEU A 294 -12.89 4.34 16.02
C LEU A 294 -13.37 2.94 16.42
N LYS A 295 -14.65 2.63 16.22
CA LYS A 295 -15.16 1.29 16.49
C LYS A 295 -14.42 0.24 15.67
N GLN A 296 -14.10 0.56 14.42
CA GLN A 296 -13.30 -0.36 13.58
C GLN A 296 -11.95 -0.67 14.16
N GLU A 297 -11.30 0.39 14.65
CA GLU A 297 -9.96 0.27 15.16
C GLU A 297 -9.96 -0.51 16.46
N TYR A 298 -10.97 -0.34 17.30
CA TYR A 298 -11.04 -1.14 18.52
C TYR A 298 -11.43 -2.60 18.26
N PHE A 299 -12.37 -2.78 17.34
CA PHE A 299 -12.88 -4.08 16.92
C PHE A 299 -11.71 -4.99 16.55
N VAL A 300 -10.87 -4.54 15.64
CA VAL A 300 -9.74 -5.37 15.16
C VAL A 300 -8.76 -5.71 16.31
N VAL A 301 -8.47 -4.72 17.14
CA VAL A 301 -7.53 -4.86 18.27
C VAL A 301 -8.05 -5.79 19.38
N ALA A 302 -9.33 -5.62 19.74
CA ALA A 302 -9.92 -6.39 20.83
C ALA A 302 -10.06 -7.86 20.46
N ALA A 303 -10.52 -8.16 19.24
CA ALA A 303 -10.67 -9.54 18.80
C ALA A 303 -9.29 -10.22 18.61
N THR A 304 -8.37 -9.50 17.98
CA THR A 304 -7.03 -9.99 17.73
C THR A 304 -6.30 -10.34 19.02
N LEU A 305 -6.32 -9.46 20.00
CA LEU A 305 -5.61 -9.71 21.26
C LEU A 305 -6.14 -10.92 22.06
N GLN A 306 -7.45 -11.17 22.05
CA GLN A 306 -8.00 -12.42 22.60
C GLN A 306 -7.43 -13.67 21.92
N ASP A 307 -7.28 -13.59 20.60
CA ASP A 307 -6.71 -14.68 19.80
C ASP A 307 -5.25 -14.94 20.14
N ILE A 308 -4.51 -13.84 20.29
CA ILE A 308 -3.12 -13.88 20.71
C ILE A 308 -2.95 -14.52 22.08
N ILE A 309 -3.74 -14.08 23.05
CA ILE A 309 -3.61 -14.60 24.42
C ILE A 309 -4.03 -16.07 24.48
N ARG A 310 -5.09 -16.45 23.77
CA ARG A 310 -5.51 -17.85 23.70
C ARG A 310 -4.35 -18.74 23.23
N ARG A 311 -3.72 -18.33 22.11
CA ARG A 311 -2.60 -19.07 21.55
C ARG A 311 -1.44 -19.14 22.54
N PHE A 312 -1.14 -18.03 23.22
CA PHE A 312 -0.05 -18.00 24.22
C PHE A 312 -0.27 -18.97 25.39
N LYS A 313 -1.51 -19.06 25.87
CA LYS A 313 -1.85 -19.96 26.98
C LYS A 313 -1.86 -21.45 26.62
N SER A 314 -2.00 -21.78 25.33
CA SER A 314 -2.00 -23.18 24.86
C SER A 314 -0.60 -23.65 24.48
N SER A 315 0.33 -23.59 25.45
CA SER A 315 1.75 -23.88 25.19
C SER A 315 2.46 -24.38 26.45
N ASN A 326 2.04 -17.52 33.33
CA ASN A 326 3.15 -16.61 33.59
C ASN A 326 3.49 -15.73 32.38
N PHE A 327 3.16 -14.44 32.50
CA PHE A 327 3.32 -13.49 31.39
C PHE A 327 4.72 -12.91 31.22
N ASP A 328 5.67 -13.31 32.08
CA ASP A 328 7.09 -12.92 31.88
C ASP A 328 7.61 -13.30 30.50
N ALA A 329 7.18 -14.45 29.98
CA ALA A 329 7.64 -14.93 28.67
C ALA A 329 6.75 -14.51 27.49
N PHE A 330 5.72 -13.70 27.75
CA PHE A 330 4.83 -13.21 26.67
C PHE A 330 5.61 -12.52 25.54
N PRO A 331 6.55 -11.60 25.87
CA PRO A 331 7.34 -10.98 24.79
C PRO A 331 8.34 -11.93 24.12
N ASP A 332 8.72 -13.03 24.78
CA ASP A 332 9.55 -14.07 24.14
C ASP A 332 8.78 -14.90 23.10
N LYS A 333 7.45 -14.93 23.20
CA LYS A 333 6.60 -15.74 22.32
C LYS A 333 5.66 -14.94 21.40
N VAL A 334 5.58 -13.63 21.58
CA VAL A 334 4.66 -12.76 20.83
C VAL A 334 5.38 -11.47 20.47
N ALA A 335 5.22 -11.06 19.22
CA ALA A 335 5.53 -9.68 18.79
C ALA A 335 4.30 -9.15 18.10
N ILE A 336 3.98 -7.88 18.37
CA ILE A 336 2.87 -7.20 17.73
C ILE A 336 3.41 -5.99 16.98
N GLN A 337 3.21 -5.94 15.68
CA GLN A 337 3.67 -4.83 14.86
C GLN A 337 2.47 -3.98 14.49
N LEU A 338 2.54 -2.70 14.83
CA LEU A 338 1.43 -1.78 14.59
C LEU A 338 1.71 -1.08 13.27
N ASN A 339 0.87 -1.33 12.27
CA ASN A 339 0.95 -0.63 11.01
C ASN A 339 0.27 0.74 11.07
N ASP A 340 1.08 1.77 11.33
CA ASP A 340 0.60 3.13 11.61
C ASP A 340 -0.11 3.15 12.97
N THR A 341 -0.76 4.28 13.32
CA THR A 341 -1.44 4.40 14.60
C THR A 341 -2.81 3.73 14.60
N HIS A 342 -3.23 3.19 13.46
CA HIS A 342 -4.62 2.70 13.34
C HIS A 342 -4.97 1.60 14.35
N PRO A 343 -4.03 0.65 14.68
CA PRO A 343 -4.26 -0.32 15.75
C PRO A 343 -3.60 0.06 17.09
N SER A 344 -3.37 1.35 17.33
CA SER A 344 -2.70 1.81 18.56
C SER A 344 -3.44 1.46 19.83
N LEU A 345 -4.76 1.27 19.76
CA LEU A 345 -5.48 0.86 20.96
C LEU A 345 -5.04 -0.53 21.50
N ALA A 346 -4.21 -1.26 20.76
CA ALA A 346 -3.57 -2.49 21.26
C ALA A 346 -2.79 -2.23 22.56
N ILE A 347 -2.16 -1.07 22.66
CA ILE A 347 -1.40 -0.73 23.85
C ILE A 347 -2.27 -0.67 25.13
N PRO A 348 -3.31 0.19 25.16
CA PRO A 348 -4.14 0.18 26.38
C PRO A 348 -5.02 -1.07 26.50
N GLU A 349 -5.37 -1.71 25.39
CA GLU A 349 -6.12 -2.97 25.47
C GLU A 349 -5.29 -4.10 26.11
N LEU A 350 -4.02 -4.23 25.72
CA LEU A 350 -3.14 -5.22 26.37
C LEU A 350 -2.98 -4.90 27.88
N MET A 351 -2.79 -3.62 28.20
CA MET A 351 -2.77 -3.19 29.59
C MET A 351 -4.07 -3.51 30.37
N ARG A 352 -5.23 -3.34 29.72
CA ARG A 352 -6.53 -3.67 30.32
C ARG A 352 -6.65 -5.16 30.64
N VAL A 353 -6.28 -6.00 29.68
CA VAL A 353 -6.38 -7.43 29.88
C VAL A 353 -5.44 -7.90 30.98
N LEU A 354 -4.19 -7.44 30.93
CA LEU A 354 -3.20 -7.83 31.93
C LEU A 354 -3.50 -7.32 33.35
N VAL A 355 -3.98 -6.09 33.50
CA VAL A 355 -4.25 -5.51 34.81
C VAL A 355 -5.63 -5.91 35.35
N ASP A 356 -6.67 -5.72 34.56
CA ASP A 356 -8.05 -5.94 35.02
C ASP A 356 -8.50 -7.40 35.03
N LEU A 357 -8.01 -8.19 34.08
CA LEU A 357 -8.47 -9.57 33.97
C LEU A 357 -7.46 -10.57 34.54
N GLU A 358 -6.18 -10.39 34.20
CA GLU A 358 -5.13 -11.29 34.67
C GLU A 358 -4.52 -10.87 36.02
N ARG A 359 -4.82 -9.66 36.48
CA ARG A 359 -4.44 -9.17 37.82
C ARG A 359 -2.93 -8.96 38.02
N LEU A 360 -2.23 -8.61 36.94
CA LEU A 360 -0.81 -8.27 37.04
C LEU A 360 -0.72 -6.88 37.61
N ASP A 361 0.38 -6.59 38.29
CA ASP A 361 0.67 -5.24 38.74
C ASP A 361 0.93 -4.35 37.51
N TRP A 362 0.61 -3.07 37.64
CA TRP A 362 0.80 -2.11 36.55
C TRP A 362 2.19 -2.16 35.94
N ASP A 363 3.22 -2.11 36.80
CA ASP A 363 4.61 -2.04 36.31
C ASP A 363 5.03 -3.24 35.47
N LYS A 364 4.67 -4.44 35.93
CA LYS A 364 4.96 -5.67 35.20
C LYS A 364 4.20 -5.73 33.87
N ALA A 365 2.93 -5.33 33.89
CA ALA A 365 2.10 -5.27 32.69
C ALA A 365 2.70 -4.34 31.64
N TRP A 366 3.17 -3.19 32.08
CA TRP A 366 3.79 -2.19 31.22
C TRP A 366 5.07 -2.69 30.59
N GLU A 367 5.94 -3.32 31.39
CA GLU A 367 7.14 -3.95 30.88
C GLU A 367 6.81 -4.94 29.76
N VAL A 368 5.81 -5.79 30.00
CA VAL A 368 5.38 -6.80 29.02
C VAL A 368 4.86 -6.13 27.75
N THR A 369 4.05 -5.10 27.91
CA THR A 369 3.46 -4.38 26.79
C THR A 369 4.54 -3.74 25.93
N VAL A 370 5.48 -3.03 26.55
CA VAL A 370 6.49 -2.32 25.80
C VAL A 370 7.36 -3.28 24.99
N LYS A 371 7.74 -4.39 25.60
CA LYS A 371 8.58 -5.39 24.95
C LYS A 371 7.87 -6.18 23.83
N THR A 372 6.53 -6.17 23.84
CA THR A 372 5.75 -6.86 22.81
C THR A 372 5.46 -5.99 21.58
N CYS A 373 5.21 -4.70 21.78
CA CYS A 373 4.72 -3.81 20.73
C CYS A 373 5.80 -3.01 20.01
N ALA A 374 5.62 -2.83 18.72
CA ALA A 374 6.47 -1.99 17.88
C ALA A 374 5.60 -1.22 16.90
N TYR A 375 6.03 0.00 16.56
CA TYR A 375 5.20 0.92 15.80
C TYR A 375 5.91 1.40 14.55
N THR A 376 5.23 1.33 13.40
CA THR A 376 5.75 1.87 12.16
C THR A 376 4.96 3.10 11.75
N ASN A 377 5.68 4.21 11.51
CA ASN A 377 5.12 5.47 11.09
C ASN A 377 5.23 5.63 9.58
N HIS A 378 4.20 6.20 8.96
CA HIS A 378 4.12 6.38 7.50
C HIS A 378 3.95 7.82 6.95
N THR A 379 3.84 8.86 7.77
CA THR A 379 3.77 10.22 7.21
C THR A 379 4.17 11.23 8.22
N VAL A 380 4.76 12.33 7.76
CA VAL A 380 5.05 13.48 8.65
C VAL A 380 4.07 14.61 8.50
N LEU A 381 3.13 14.54 7.56
CA LEU A 381 2.14 15.62 7.41
C LEU A 381 1.23 15.66 8.64
N PRO A 382 1.16 16.82 9.34
CA PRO A 382 0.47 16.84 10.64
C PRO A 382 -1.03 16.63 10.55
N GLU A 383 -1.66 17.02 9.45
CA GLU A 383 -3.10 16.80 9.28
C GLU A 383 -3.50 15.32 9.12
N ALA A 384 -2.52 14.47 8.81
CA ALA A 384 -2.75 13.03 8.71
C ALA A 384 -2.72 12.27 10.05
N LEU A 385 -2.11 12.84 11.10
CA LEU A 385 -1.97 12.12 12.37
C LEU A 385 -3.30 11.90 13.07
N GLU A 386 -3.52 10.72 13.64
CA GLU A 386 -4.76 10.44 14.36
C GLU A 386 -4.71 11.08 15.72
N ARG A 387 -5.60 12.03 15.97
CA ARG A 387 -5.75 12.65 17.26
C ARG A 387 -7.24 12.58 17.64
N TRP A 388 -7.58 11.61 18.48
CA TRP A 388 -8.97 11.30 18.80
C TRP A 388 -9.48 12.22 19.88
N PRO A 389 -10.63 12.91 19.63
CA PRO A 389 -11.31 13.68 20.69
C PRO A 389 -11.53 12.85 21.94
N VAL A 390 -11.20 13.41 23.09
CA VAL A 390 -11.35 12.74 24.38
C VAL A 390 -12.81 12.34 24.61
N HIS A 391 -13.76 13.18 24.21
CA HIS A 391 -15.20 12.90 24.43
C HIS A 391 -15.72 11.64 23.72
N LEU A 392 -15.16 11.31 22.55
CA LEU A 392 -15.48 10.03 21.88
C LEU A 392 -14.94 8.81 22.64
N LEU A 393 -13.71 8.90 23.13
CA LEU A 393 -13.10 7.79 23.90
C LEU A 393 -13.80 7.60 25.26
N GLU A 394 -14.11 8.70 25.92
CA GLU A 394 -14.85 8.70 27.18
C GLU A 394 -16.18 7.94 27.09
N THR A 395 -16.92 8.18 26.01
CA THR A 395 -18.19 7.52 25.73
C THR A 395 -18.02 6.08 25.26
N LEU A 396 -17.17 5.88 24.25
CA LEU A 396 -17.05 4.57 23.61
C LEU A 396 -16.21 3.58 24.41
N LEU A 397 -15.15 4.06 25.07
CA LEU A 397 -14.12 3.21 25.65
C LEU A 397 -13.63 3.79 26.97
N PRO A 398 -14.53 3.92 27.95
CA PRO A 398 -14.20 4.63 29.18
C PRO A 398 -13.03 4.07 29.97
N ARG A 399 -12.81 2.76 29.94
CA ARG A 399 -11.68 2.16 30.67
C ARG A 399 -10.36 2.50 29.97
N HIS A 400 -10.35 2.43 28.64
CA HIS A 400 -9.15 2.68 27.85
C HIS A 400 -8.68 4.13 28.04
N LEU A 401 -9.62 5.06 28.11
CA LEU A 401 -9.29 6.46 28.44
C LEU A 401 -8.58 6.58 29.81
N GLN A 402 -9.10 5.89 30.83
CA GLN A 402 -8.46 5.90 32.15
C GLN A 402 -7.03 5.39 32.08
N ILE A 403 -6.85 4.26 31.41
CA ILE A 403 -5.52 3.69 31.19
C ILE A 403 -4.60 4.66 30.41
N ILE A 404 -5.08 5.29 29.34
CA ILE A 404 -4.27 6.26 28.59
C ILE A 404 -3.82 7.42 29.50
N TYR A 405 -4.71 7.92 30.34
CA TYR A 405 -4.35 8.95 31.30
C TYR A 405 -3.24 8.52 32.27
N GLU A 406 -3.33 7.27 32.76
CA GLU A 406 -2.34 6.71 33.67
C GLU A 406 -0.99 6.53 32.97
N ILE A 407 -1.03 6.04 31.73
CA ILE A 407 0.19 5.94 30.92
C ILE A 407 0.84 7.33 30.81
N ASN A 408 0.02 8.33 30.53
CA ASN A 408 0.50 9.69 30.31
C ASN A 408 1.16 10.28 31.56
N GLN A 409 0.55 10.08 32.73
CA GLN A 409 1.11 10.57 33.99
C GLN A 409 2.47 9.95 34.31
N ARG A 410 2.58 8.64 34.13
CA ARG A 410 3.82 7.93 34.40
C ARG A 410 4.90 8.27 33.38
N PHE A 411 4.50 8.46 32.12
CA PHE A 411 5.42 8.89 31.06
C PHE A 411 5.95 10.31 31.33
N LEU A 412 5.05 11.24 31.62
CA LEU A 412 5.46 12.63 31.90
C LEU A 412 6.30 12.76 33.17
N ASN A 413 6.07 11.89 34.17
CA ASN A 413 6.95 11.82 35.34
C ASN A 413 8.37 11.45 34.95
N ARG A 414 8.54 10.53 34.00
CA ARG A 414 9.87 10.22 33.47
C ARG A 414 10.48 11.39 32.71
N VAL A 415 9.68 12.09 31.91
CA VAL A 415 10.19 13.24 31.13
C VAL A 415 10.70 14.34 32.08
N ALA A 416 9.90 14.62 33.11
CA ALA A 416 10.27 15.59 34.16
C ALA A 416 11.56 15.24 34.91
N ALA A 417 11.79 13.95 35.17
CA ALA A 417 13.01 13.51 35.86
C ALA A 417 14.26 13.61 34.98
N ALA A 418 14.11 13.41 33.66
CA ALA A 418 15.24 13.49 32.72
C ALA A 418 15.55 14.92 32.27
N PHE A 419 14.53 15.78 32.22
CA PHE A 419 14.67 17.15 31.75
C PHE A 419 14.00 18.10 32.77
N PRO A 420 14.57 18.19 33.98
CA PRO A 420 13.88 18.92 35.07
C PRO A 420 13.72 20.40 34.76
N GLY A 421 12.52 20.92 34.98
CA GLY A 421 12.18 22.29 34.71
C GLY A 421 11.80 22.64 33.29
N ASP A 422 11.92 21.70 32.35
CA ASP A 422 11.58 21.98 30.95
C ASP A 422 10.08 21.78 30.80
N VAL A 423 9.32 22.81 31.19
CA VAL A 423 7.86 22.75 31.21
C VAL A 423 7.23 22.70 29.82
N ASP A 424 7.84 23.38 28.83
CA ASP A 424 7.31 23.29 27.49
C ASP A 424 7.43 21.89 26.89
N ARG A 425 8.52 21.20 27.21
CA ARG A 425 8.73 19.81 26.77
C ARG A 425 7.59 18.93 27.28
N LEU A 426 7.17 19.15 28.53
CA LEU A 426 6.05 18.42 29.12
C LEU A 426 4.76 18.56 28.34
N ARG A 427 4.39 19.76 27.93
CA ARG A 427 3.19 19.94 27.11
C ARG A 427 3.39 19.40 25.68
N ARG A 428 4.59 19.52 25.13
CA ARG A 428 4.88 19.00 23.80
C ARG A 428 4.81 17.47 23.73
N MET A 429 5.28 16.78 24.76
CA MET A 429 5.34 15.32 24.73
C MET A 429 4.09 14.63 25.26
N SER A 430 3.18 15.39 25.86
CA SER A 430 1.98 14.79 26.45
C SER A 430 1.18 13.98 25.43
N LEU A 431 0.62 12.85 25.84
CA LEU A 431 -0.34 12.14 24.96
C LEU A 431 -1.65 12.89 24.86
N VAL A 432 -1.95 13.75 25.85
CA VAL A 432 -3.18 14.52 25.88
C VAL A 432 -2.85 15.90 25.35
N GLU A 433 -3.53 16.32 24.29
CA GLU A 433 -3.39 17.66 23.72
C GLU A 433 -4.51 18.58 24.23
N GLU A 434 -4.13 19.74 24.75
CA GLU A 434 -5.10 20.69 25.29
C GLU A 434 -5.60 21.64 24.18
N GLY A 435 -6.75 22.26 24.42
CA GLY A 435 -7.29 23.26 23.50
C GLY A 435 -8.80 23.32 23.48
N ALA A 436 -9.35 23.77 22.35
CA ALA A 436 -10.81 23.83 22.14
C ALA A 436 -11.45 22.50 22.51
N VAL A 437 -11.03 21.42 21.82
CA VAL A 437 -11.37 20.06 22.23
C VAL A 437 -10.07 19.31 22.57
N LYS A 438 -10.03 18.70 23.76
CA LYS A 438 -8.92 17.84 24.13
C LYS A 438 -8.89 16.63 23.20
N ARG A 439 -7.68 16.23 22.81
CA ARG A 439 -7.48 15.06 21.95
C ARG A 439 -6.36 14.21 22.53
N ILE A 440 -6.37 12.92 22.16
CA ILE A 440 -5.27 12.02 22.45
C ILE A 440 -4.45 11.88 21.18
N ASN A 441 -3.16 12.17 21.26
CA ASN A 441 -2.25 12.01 20.13
C ASN A 441 -1.84 10.54 20.08
N MET A 442 -2.36 9.80 19.12
CA MET A 442 -2.11 8.36 19.08
C MET A 442 -0.66 7.99 18.73
N ALA A 443 0.04 8.84 17.98
CA ALA A 443 1.48 8.64 17.72
C ALA A 443 2.29 8.69 19.01
N HIS A 444 1.97 9.64 19.89
CA HIS A 444 2.69 9.73 21.16
C HIS A 444 2.41 8.52 22.01
N LEU A 445 1.18 8.01 21.94
CA LEU A 445 0.80 6.80 22.68
C LEU A 445 1.64 5.61 22.17
N CYS A 446 1.75 5.49 20.84
CA CYS A 446 2.55 4.37 20.27
C CYS A 446 4.03 4.43 20.65
N ILE A 447 4.62 5.63 20.67
CA ILE A 447 6.04 5.76 21.00
C ILE A 447 6.27 5.37 22.45
N ALA A 448 5.43 5.90 23.34
CA ALA A 448 5.51 5.56 24.76
C ALA A 448 5.41 4.06 25.01
N GLY A 449 4.52 3.40 24.25
CA GLY A 449 4.13 2.02 24.50
C GLY A 449 4.83 0.96 23.67
N SER A 450 5.85 1.33 22.88
CA SER A 450 6.58 0.42 21.99
C SER A 450 8.07 0.40 22.27
N HIS A 451 8.71 -0.77 22.12
CA HIS A 451 10.17 -0.84 22.23
C HIS A 451 10.91 -0.38 20.97
N ALA A 452 10.20 -0.26 19.85
CA ALA A 452 10.83 0.18 18.60
C ALA A 452 9.85 0.99 17.79
N VAL A 453 10.35 2.09 17.24
CA VAL A 453 9.62 3.00 16.37
C VAL A 453 10.47 3.12 15.13
N ASN A 454 9.86 2.87 13.96
CA ASN A 454 10.57 2.99 12.71
C ASN A 454 9.84 3.84 11.66
N GLY A 455 10.65 4.54 10.86
CA GLY A 455 10.23 5.12 9.61
C GLY A 455 10.52 4.15 8.49
N VAL A 456 10.14 4.53 7.28
CA VAL A 456 10.02 3.58 6.18
C VAL A 456 11.00 3.87 5.04
N ALA A 457 11.90 4.84 5.25
CA ALA A 457 13.05 5.11 4.36
C ALA A 457 14.01 5.97 5.13
N ARG A 458 15.28 5.97 4.75
CA ARG A 458 16.32 6.56 5.61
C ARG A 458 16.06 8.03 5.89
N ILE A 459 15.75 8.79 4.86
CA ILE A 459 15.48 10.22 5.01
C ILE A 459 14.26 10.50 5.90
N HIS A 460 13.22 9.66 5.79
CA HIS A 460 12.02 9.78 6.62
C HIS A 460 12.37 9.45 8.09
N SER A 461 13.10 8.37 8.33
CA SER A 461 13.49 8.03 9.70
C SER A 461 14.33 9.16 10.33
N GLU A 462 15.20 9.77 9.53
CA GLU A 462 16.00 10.92 10.01
C GLU A 462 15.11 12.13 10.32
N ILE A 463 14.16 12.44 9.45
CA ILE A 463 13.18 13.49 9.70
C ILE A 463 12.39 13.27 11.01
N LEU A 464 12.02 12.03 11.33
CA LEU A 464 11.30 11.74 12.58
C LEU A 464 12.13 12.10 13.84
N LYS A 465 13.41 11.78 13.79
CA LYS A 465 14.35 12.06 14.89
C LYS A 465 14.70 13.54 15.02
N LYS A 466 14.82 14.25 13.91
CA LYS A 466 15.18 15.67 13.90
C LYS A 466 14.02 16.64 14.08
N THR A 467 12.80 16.26 13.67
CA THR A 467 11.64 17.17 13.70
C THR A 467 10.47 16.66 14.56
N ILE A 468 9.55 15.90 13.98
CA ILE A 468 8.26 15.67 14.63
C ILE A 468 8.37 14.91 15.94
N PHE A 469 9.31 13.96 16.04
CA PHE A 469 9.51 13.21 17.29
C PHE A 469 10.86 13.45 17.97
N LYS A 470 11.46 14.62 17.72
CA LYS A 470 12.73 15.00 18.35
C LYS A 470 12.76 14.84 19.88
N ASP A 471 11.74 15.32 20.57
CA ASP A 471 11.68 15.20 22.03
C ASP A 471 11.76 13.73 22.50
N PHE A 472 11.06 12.83 21.79
CA PHE A 472 11.01 11.41 22.12
C PHE A 472 12.35 10.73 21.86
N TYR A 473 12.98 11.08 20.75
CA TYR A 473 14.31 10.55 20.42
C TYR A 473 15.37 10.97 21.49
N GLU A 474 15.26 12.20 21.99
CA GLU A 474 16.17 12.67 23.04
C GLU A 474 15.96 11.93 24.36
N LEU A 475 14.71 11.57 24.66
CA LEU A 475 14.39 10.78 25.85
C LEU A 475 14.82 9.33 25.73
N GLU A 476 14.54 8.71 24.57
CA GLU A 476 14.76 7.26 24.38
C GLU A 476 15.34 6.98 22.97
N PRO A 477 16.62 7.35 22.74
CA PRO A 477 17.21 7.25 21.39
C PRO A 477 17.22 5.84 20.81
N HIS A 478 17.46 4.87 21.68
CA HIS A 478 17.44 3.44 21.35
C HIS A 478 16.16 2.92 20.68
N LYS A 479 15.02 3.58 20.87
CA LYS A 479 13.73 3.15 20.26
C LYS A 479 13.65 3.38 18.75
N PHE A 480 14.39 4.35 18.26
CA PHE A 480 14.20 4.82 16.90
C PHE A 480 15.04 4.05 15.89
N GLN A 481 14.38 3.58 14.83
CA GLN A 481 15.01 2.74 13.84
C GLN A 481 14.56 3.16 12.45
N ASN A 482 15.29 2.68 11.45
CA ASN A 482 14.87 2.77 10.06
C ASN A 482 14.63 1.36 9.52
N LYS A 483 13.57 1.19 8.75
CA LYS A 483 13.35 -0.01 7.94
C LYS A 483 12.85 0.41 6.58
N THR A 484 13.76 0.53 5.61
CA THR A 484 13.38 1.02 4.31
C THR A 484 12.42 0.01 3.66
N ASN A 485 11.37 0.56 3.06
CA ASN A 485 10.32 -0.27 2.45
C ASN A 485 10.85 -1.11 1.30
N GLY A 486 10.05 -2.10 0.91
CA GLY A 486 10.34 -2.93 -0.25
C GLY A 486 9.07 -3.45 -0.85
N ILE A 487 9.22 -4.20 -1.95
CA ILE A 487 8.07 -4.79 -2.68
C ILE A 487 8.40 -6.25 -2.91
N THR A 488 7.38 -7.09 -3.08
CA THR A 488 7.68 -8.53 -3.35
C THR A 488 8.01 -8.74 -4.82
N PRO A 489 9.15 -9.40 -5.11
CA PRO A 489 9.47 -9.66 -6.50
C PRO A 489 8.68 -10.81 -7.12
N ARG A 490 7.90 -11.55 -6.31
CA ARG A 490 6.95 -12.51 -6.87
C ARG A 490 5.85 -11.77 -7.61
N ARG A 491 5.01 -11.00 -6.91
CA ARG A 491 3.98 -10.27 -7.61
C ARG A 491 4.54 -9.27 -8.62
N TRP A 492 5.58 -8.52 -8.22
CA TRP A 492 5.98 -7.34 -8.96
C TRP A 492 7.08 -7.56 -10.00
N LEU A 493 7.44 -8.81 -10.26
CA LEU A 493 8.27 -9.15 -11.43
C LEU A 493 7.79 -10.42 -12.10
N VAL A 494 7.83 -11.52 -11.36
CA VAL A 494 7.57 -12.86 -11.90
C VAL A 494 6.13 -12.95 -12.43
N LEU A 495 5.18 -12.42 -11.64
CA LEU A 495 3.77 -12.45 -12.00
C LEU A 495 3.43 -11.47 -13.13
N CYS A 496 3.80 -10.20 -12.95
CA CYS A 496 3.33 -9.15 -13.84
C CYS A 496 4.22 -8.96 -15.09
N ASN A 497 5.45 -9.48 -15.06
CA ASN A 497 6.38 -9.30 -16.18
C ASN A 497 7.18 -10.58 -16.44
N PRO A 498 6.48 -11.66 -16.83
CA PRO A 498 7.19 -12.93 -17.00
C PRO A 498 8.28 -12.90 -18.07
N GLY A 499 8.03 -12.14 -19.13
CA GLY A 499 9.01 -11.93 -20.20
C GLY A 499 10.35 -11.43 -19.68
N LEU A 500 10.32 -10.42 -18.82
CA LEU A 500 11.53 -9.91 -18.20
C LEU A 500 12.12 -10.94 -17.26
N ALA A 501 11.29 -11.58 -16.45
CA ALA A 501 11.81 -12.58 -15.49
C ALA A 501 12.56 -13.71 -16.19
N GLU A 502 12.05 -14.10 -17.35
CA GLU A 502 12.62 -15.21 -18.11
C GLU A 502 13.96 -14.85 -18.70
N ILE A 503 14.08 -13.68 -19.34
CA ILE A 503 15.35 -13.27 -19.94
C ILE A 503 16.42 -13.07 -18.87
N ILE A 504 16.02 -12.65 -17.66
CA ILE A 504 16.96 -12.62 -16.54
C ILE A 504 17.37 -14.04 -16.10
N ALA A 505 16.40 -14.93 -15.95
CA ALA A 505 16.67 -16.31 -15.52
C ALA A 505 17.64 -17.05 -16.46
N GLU A 506 17.50 -16.77 -17.75
CA GLU A 506 18.37 -17.35 -18.80
C GLU A 506 19.85 -17.13 -18.53
N ARG A 507 20.19 -15.96 -17.97
CA ARG A 507 21.59 -15.60 -17.76
C ARG A 507 22.04 -16.02 -16.37
N ILE A 508 21.21 -15.79 -15.34
CA ILE A 508 21.66 -15.99 -13.95
C ILE A 508 20.92 -17.07 -13.13
N GLY A 509 20.00 -17.79 -13.74
CA GLY A 509 19.23 -18.82 -13.04
C GLY A 509 18.05 -18.19 -12.32
N GLU A 510 17.37 -19.01 -11.51
CA GLU A 510 16.09 -18.64 -10.90
C GLU A 510 16.19 -18.22 -9.44
N GLU A 511 17.36 -18.37 -8.82
CA GLU A 511 17.52 -18.09 -7.40
C GLU A 511 17.32 -16.62 -7.01
N TYR A 512 17.34 -15.71 -7.99
CA TYR A 512 17.13 -14.28 -7.73
C TYR A 512 15.70 -13.95 -7.27
N ILE A 513 14.74 -14.82 -7.58
CA ILE A 513 13.34 -14.57 -7.20
C ILE A 513 13.15 -14.53 -5.67
N SER A 514 13.94 -15.31 -4.92
CA SER A 514 13.93 -15.27 -3.44
C SER A 514 15.24 -14.71 -2.83
N ASP A 515 16.07 -14.09 -3.67
CA ASP A 515 17.32 -13.47 -3.23
C ASP A 515 17.65 -12.39 -4.27
N LEU A 516 16.93 -11.26 -4.19
CA LEU A 516 16.91 -10.28 -5.27
C LEU A 516 18.25 -9.58 -5.50
N ASP A 517 19.09 -9.54 -4.46
CA ASP A 517 20.47 -9.03 -4.55
C ASP A 517 21.29 -9.68 -5.67
N GLN A 518 20.96 -10.92 -6.02
CA GLN A 518 21.57 -11.57 -7.19
C GLN A 518 21.41 -10.84 -8.53
N LEU A 519 20.44 -9.91 -8.64
CA LEU A 519 20.33 -9.08 -9.85
C LEU A 519 21.60 -8.25 -10.16
N ARG A 520 22.43 -7.99 -9.15
CA ARG A 520 23.74 -7.34 -9.37
C ARG A 520 24.61 -8.08 -10.38
N LYS A 521 24.42 -9.40 -10.51
CA LYS A 521 25.12 -10.17 -11.56
C LYS A 521 24.86 -9.63 -12.97
N LEU A 522 23.73 -8.95 -13.19
CA LEU A 522 23.41 -8.38 -14.51
C LEU A 522 24.28 -7.18 -14.94
N LEU A 523 25.07 -6.61 -14.02
CA LEU A 523 26.04 -5.55 -14.38
C LEU A 523 27.06 -6.04 -15.40
N SER A 524 27.40 -7.32 -15.34
CA SER A 524 28.31 -7.93 -16.31
C SER A 524 27.69 -8.18 -17.70
N TYR A 525 26.42 -7.78 -17.91
CA TYR A 525 25.75 -7.89 -19.20
C TYR A 525 25.36 -6.54 -19.81
N VAL A 526 25.81 -5.45 -19.19
CA VAL A 526 25.50 -4.10 -19.66
C VAL A 526 26.06 -3.77 -21.05
N ASP A 527 27.16 -4.43 -21.44
CA ASP A 527 27.70 -4.30 -22.80
C ASP A 527 27.43 -5.51 -23.70
N ASP A 528 26.55 -6.41 -23.25
CA ASP A 528 26.18 -7.61 -24.00
C ASP A 528 25.07 -7.20 -24.97
N GLU A 529 25.40 -7.29 -26.26
CA GLU A 529 24.51 -6.83 -27.33
C GLU A 529 23.18 -7.61 -27.36
N ALA A 530 23.24 -8.91 -27.10
CA ALA A 530 22.05 -9.77 -27.13
C ALA A 530 21.09 -9.40 -25.99
N PHE A 531 21.64 -9.23 -24.79
CA PHE A 531 20.87 -8.85 -23.60
C PHE A 531 20.21 -7.47 -23.72
N ILE A 532 20.96 -6.48 -24.25
CA ILE A 532 20.42 -5.16 -24.57
C ILE A 532 19.22 -5.29 -25.51
N ARG A 533 19.35 -6.12 -26.54
CA ARG A 533 18.25 -6.37 -27.47
C ARG A 533 17.03 -7.03 -26.79
N ASP A 534 17.28 -8.01 -25.94
CA ASP A 534 16.19 -8.73 -25.26
C ASP A 534 15.45 -7.82 -24.26
N VAL A 535 16.19 -7.02 -23.49
CA VAL A 535 15.57 -6.08 -22.52
C VAL A 535 14.65 -5.10 -23.26
N ALA A 536 15.14 -4.55 -24.37
CA ALA A 536 14.34 -3.65 -25.24
C ALA A 536 13.14 -4.32 -25.86
N LYS A 537 13.30 -5.58 -26.26
CA LYS A 537 12.20 -6.35 -26.87
C LYS A 537 11.10 -6.64 -25.85
N VAL A 538 11.48 -6.97 -24.63
CA VAL A 538 10.48 -7.24 -23.57
C VAL A 538 9.64 -5.98 -23.30
N LYS A 539 10.28 -4.81 -23.25
CA LYS A 539 9.56 -3.57 -23.02
C LYS A 539 8.60 -3.24 -24.17
N GLN A 540 9.08 -3.37 -25.40
CA GLN A 540 8.22 -3.17 -26.58
C GLN A 540 7.00 -4.10 -26.60
N GLU A 541 7.20 -5.36 -26.26
CA GLU A 541 6.10 -6.32 -26.16
C GLU A 541 5.10 -5.90 -25.06
N ASN A 542 5.61 -5.52 -23.90
CA ASN A 542 4.73 -5.03 -22.80
C ASN A 542 3.94 -3.79 -23.20
N LYS A 543 4.61 -2.88 -23.92
CA LYS A 543 3.94 -1.66 -24.42
C LYS A 543 2.86 -1.95 -25.48
N LEU A 544 3.13 -2.87 -26.41
CA LEU A 544 2.13 -3.27 -27.41
C LEU A 544 0.88 -3.90 -26.76
N LYS A 545 1.11 -4.77 -25.77
CA LYS A 545 0.04 -5.43 -25.05
C LYS A 545 -0.82 -4.41 -24.31
N PHE A 546 -0.18 -3.43 -23.66
CA PHE A 546 -0.93 -2.41 -22.92
C PHE A 546 -1.70 -1.47 -23.83
N ALA A 547 -1.10 -1.12 -24.97
CA ALA A 547 -1.75 -0.33 -26.00
C ALA A 547 -2.98 -1.05 -26.59
N ALA A 548 -2.90 -2.38 -26.67
CA ALA A 548 -4.06 -3.19 -27.10
C ALA A 548 -5.12 -3.24 -26.00
N TYR A 549 -4.68 -3.41 -24.74
CA TYR A 549 -5.58 -3.36 -23.59
C TYR A 549 -6.35 -2.03 -23.53
N LEU A 550 -5.67 -0.92 -23.76
CA LEU A 550 -6.33 0.39 -23.72
C LEU A 550 -7.46 0.50 -24.75
N GLU A 551 -7.12 0.29 -26.03
CA GLU A 551 -8.11 0.36 -27.13
C GLU A 551 -9.33 -0.52 -26.90
N ARG A 552 -9.10 -1.79 -26.55
CA ARG A 552 -10.17 -2.77 -26.34
C ARG A 552 -11.14 -2.38 -25.21
N GLU A 553 -10.58 -2.14 -24.02
CA GLU A 553 -11.38 -1.93 -22.81
C GLU A 553 -11.95 -0.50 -22.68
N TYR A 554 -11.24 0.50 -23.22
CA TYR A 554 -11.61 1.92 -23.05
C TYR A 554 -11.71 2.79 -24.32
N LYS A 555 -11.49 2.22 -25.50
CA LYS A 555 -11.66 2.92 -26.80
C LYS A 555 -10.81 4.21 -26.93
N VAL A 556 -9.51 4.08 -26.65
CA VAL A 556 -8.57 5.20 -26.77
C VAL A 556 -7.28 4.76 -27.49
N HIS A 557 -6.84 5.58 -28.45
CA HIS A 557 -5.76 5.23 -29.39
C HIS A 557 -4.43 5.82 -28.93
N ILE A 558 -3.36 5.00 -28.91
CA ILE A 558 -2.00 5.48 -28.58
C ILE A 558 -0.91 4.94 -29.50
N ASN A 559 0.15 5.73 -29.66
CA ASN A 559 1.33 5.33 -30.43
C ASN A 559 2.26 4.45 -29.56
N PRO A 560 2.42 3.16 -29.93
CA PRO A 560 3.29 2.30 -29.11
C PRO A 560 4.80 2.61 -29.18
N ASN A 561 5.23 3.38 -30.17
CA ASN A 561 6.62 3.84 -30.27
C ASN A 561 6.94 5.08 -29.41
N SER A 562 5.92 5.73 -28.84
CA SER A 562 6.16 6.90 -27.99
C SER A 562 6.74 6.49 -26.64
N LEU A 563 7.31 7.47 -25.97
CA LEU A 563 7.83 7.28 -24.62
C LEU A 563 6.62 7.23 -23.70
N PHE A 564 6.50 6.17 -22.91
CA PHE A 564 5.37 6.01 -21.98
C PHE A 564 5.74 6.64 -20.63
N ASP A 565 5.11 7.78 -20.34
CA ASP A 565 5.48 8.65 -19.23
C ASP A 565 4.33 8.50 -18.25
N VAL A 566 4.58 7.87 -17.12
CA VAL A 566 3.48 7.42 -16.25
C VAL A 566 3.64 7.86 -14.80
N GLN A 567 2.57 8.43 -14.26
CA GLN A 567 2.48 8.78 -12.85
C GLN A 567 1.19 8.14 -12.33
N VAL A 568 1.33 7.08 -11.56
CA VAL A 568 0.17 6.40 -10.98
C VAL A 568 0.35 6.27 -9.46
N LYS A 569 -0.62 6.78 -8.72
CA LYS A 569 -0.56 6.82 -7.26
C LYS A 569 -1.82 7.57 -6.88
N ARG A 570 -2.19 7.52 -5.62
CA ARG A 570 -3.34 8.32 -5.17
C ARG A 570 -3.11 9.82 -5.43
N ILE A 571 -4.21 10.54 -5.65
CA ILE A 571 -4.14 11.97 -5.99
C ILE A 571 -4.01 12.79 -4.69
N HIS A 572 -2.87 13.46 -4.55
CA HIS A 572 -2.58 14.30 -3.39
C HIS A 572 -1.81 15.51 -3.85
N GLU A 573 -2.07 16.66 -3.24
CA GLU A 573 -1.23 17.82 -3.50
C GLU A 573 0.28 17.52 -3.28
N TYR A 574 0.65 16.84 -2.20
CA TYR A 574 2.08 16.64 -1.94
C TYR A 574 2.79 15.80 -3.04
N LYS A 575 2.04 14.90 -3.70
CA LYS A 575 2.58 14.09 -4.78
C LYS A 575 2.77 14.87 -6.10
N ARG A 576 2.13 16.04 -6.17
CA ARG A 576 2.37 17.02 -7.23
C ARG A 576 2.09 16.51 -8.61
N GLN A 577 0.97 15.81 -8.77
CA GLN A 577 0.42 15.59 -10.11
C GLN A 577 0.27 16.91 -10.86
N LEU A 578 0.01 18.01 -10.12
CA LEU A 578 -0.05 19.34 -10.75
C LEU A 578 1.24 19.78 -11.45
N LEU A 579 2.38 19.44 -10.90
CA LEU A 579 3.66 19.78 -11.54
C LEU A 579 3.78 19.08 -12.90
N ASN A 580 3.38 17.79 -12.93
CA ASN A 580 3.30 17.00 -14.17
C ASN A 580 2.39 17.69 -15.20
N CYS A 581 1.18 18.09 -14.78
CA CYS A 581 0.27 18.85 -15.63
C CYS A 581 0.91 20.08 -16.26
N LEU A 582 1.72 20.81 -15.48
CA LEU A 582 2.38 22.02 -16.01
C LEU A 582 3.41 21.67 -17.07
N HIS A 583 4.12 20.56 -16.89
CA HIS A 583 5.07 20.09 -17.94
C HIS A 583 4.34 19.72 -19.23
N VAL A 584 3.23 18.99 -19.10
CA VAL A 584 2.40 18.62 -20.26
C VAL A 584 1.92 19.84 -21.05
N ILE A 585 1.45 20.85 -20.34
CA ILE A 585 1.01 22.09 -21.02
C ILE A 585 2.19 22.81 -21.68
N THR A 586 3.35 22.82 -21.03
CA THR A 586 4.58 23.38 -21.60
C THR A 586 4.92 22.72 -22.96
N LEU A 587 4.86 21.39 -22.99
CA LEU A 587 5.13 20.61 -24.22
C LEU A 587 4.15 20.95 -25.32
N TYR A 588 2.87 20.99 -24.97
CA TYR A 588 1.83 21.36 -25.92
C TYR A 588 2.09 22.78 -26.48
N ASN A 589 2.36 23.73 -25.58
CA ASN A 589 2.62 25.13 -25.98
C ASN A 589 3.86 25.27 -26.87
N ARG A 590 4.93 24.56 -26.54
CA ARG A 590 6.14 24.49 -27.37
C ARG A 590 5.85 23.95 -28.77
N ILE A 591 4.99 22.92 -28.86
CA ILE A 591 4.60 22.35 -30.15
C ILE A 591 3.80 23.36 -30.97
N LYS A 592 2.79 23.99 -30.38
CA LYS A 592 2.00 24.99 -31.10
C LYS A 592 2.85 26.21 -31.57
N LYS A 593 3.91 26.52 -30.83
CA LYS A 593 4.84 27.59 -31.19
C LYS A 593 5.76 27.24 -32.38
N GLU A 594 6.28 26.01 -32.41
CA GLU A 594 7.15 25.54 -33.49
C GLU A 594 6.70 24.14 -33.93
N PRO A 595 5.58 24.06 -34.68
CA PRO A 595 4.94 22.77 -34.95
C PRO A 595 5.73 21.85 -35.89
N ASN A 596 6.59 22.43 -36.73
CA ASN A 596 7.39 21.64 -37.69
C ASN A 596 8.77 21.23 -37.15
N LYS A 597 8.99 21.43 -35.85
CA LYS A 597 10.20 21.03 -35.15
C LYS A 597 10.00 19.63 -34.55
N PHE A 598 10.99 18.75 -34.67
CA PHE A 598 10.89 17.39 -34.13
C PHE A 598 10.94 17.38 -32.59
N VAL A 599 10.04 16.60 -31.99
CA VAL A 599 10.11 16.33 -30.55
C VAL A 599 9.89 14.84 -30.31
N VAL A 600 10.50 14.32 -29.26
CA VAL A 600 10.33 12.91 -28.90
C VAL A 600 8.87 12.70 -28.53
N PRO A 601 8.16 11.80 -29.24
CA PRO A 601 6.75 11.61 -28.92
C PRO A 601 6.53 10.96 -27.55
N ARG A 602 5.45 11.38 -26.90
CA ARG A 602 5.15 10.91 -25.55
C ARG A 602 3.70 10.52 -25.43
N THR A 603 3.45 9.51 -24.60
CA THR A 603 2.11 9.26 -24.07
C THR A 603 2.22 9.46 -22.60
N VAL A 604 1.53 10.48 -22.08
CA VAL A 604 1.60 10.84 -20.69
C VAL A 604 0.35 10.23 -20.07
N MET A 605 0.55 9.30 -19.15
CA MET A 605 -0.56 8.62 -18.47
C MET A 605 -0.50 8.98 -16.98
N ILE A 606 -1.64 9.44 -16.45
CA ILE A 606 -1.75 9.76 -15.04
C ILE A 606 -2.99 9.04 -14.54
N GLY A 607 -2.88 8.38 -13.39
CA GLY A 607 -4.00 7.63 -12.85
C GLY A 607 -3.94 7.63 -11.34
N GLY A 608 -5.11 7.51 -10.70
CA GLY A 608 -5.17 7.49 -9.27
C GLY A 608 -6.52 7.93 -8.77
N LYS A 609 -6.90 7.44 -7.60
CA LYS A 609 -8.16 7.82 -6.95
C LYS A 609 -7.91 8.99 -6.04
N ALA A 610 -8.94 9.83 -5.94
CA ALA A 610 -9.00 10.93 -4.99
C ALA A 610 -9.94 10.55 -3.84
N ALA A 611 -9.56 10.92 -2.63
CA ALA A 611 -10.46 10.74 -1.50
C ALA A 611 -11.75 11.52 -1.77
N PRO A 612 -12.93 10.88 -1.56
CA PRO A 612 -14.23 11.46 -1.91
C PRO A 612 -14.51 12.92 -1.47
N GLY A 613 -14.03 13.34 -0.30
CA GLY A 613 -14.23 14.74 0.16
C GLY A 613 -13.10 15.73 -0.11
N TYR A 614 -12.08 15.31 -0.87
CA TYR A 614 -10.89 16.12 -1.09
C TYR A 614 -11.11 16.91 -2.38
N HIS A 615 -11.63 18.11 -2.22
CA HIS A 615 -12.05 18.93 -3.34
C HIS A 615 -10.93 19.24 -4.34
N MET A 616 -9.75 19.59 -3.84
CA MET A 616 -8.61 19.94 -4.72
C MET A 616 -8.16 18.71 -5.53
N ALA A 617 -8.12 17.54 -4.90
CA ALA A 617 -7.77 16.31 -5.65
C ALA A 617 -8.76 16.05 -6.77
N LYS A 618 -10.05 16.27 -6.51
CA LYS A 618 -11.06 16.13 -7.55
C LYS A 618 -10.91 17.14 -8.67
N MET A 619 -10.51 18.36 -8.33
CA MET A 619 -10.24 19.40 -9.33
C MET A 619 -9.05 19.05 -10.22
N ILE A 620 -8.03 18.41 -9.64
CA ILE A 620 -6.82 17.97 -10.37
C ILE A 620 -7.17 16.90 -11.41
N ILE A 621 -8.05 15.96 -11.03
CA ILE A 621 -8.51 14.94 -11.97
C ILE A 621 -9.21 15.64 -13.13
N LYS A 622 -10.08 16.60 -12.83
CA LYS A 622 -10.80 17.32 -13.88
C LYS A 622 -9.84 18.07 -14.81
N LEU A 623 -8.79 18.66 -14.24
CA LEU A 623 -7.78 19.38 -15.02
C LEU A 623 -7.04 18.39 -15.97
N ILE A 624 -6.69 17.21 -15.48
CA ILE A 624 -5.96 16.24 -16.33
C ILE A 624 -6.80 15.84 -17.55
N THR A 625 -8.06 15.48 -17.33
CA THR A 625 -8.95 15.16 -18.45
C THR A 625 -9.22 16.38 -19.37
N ALA A 626 -9.31 17.56 -18.78
CA ALA A 626 -9.48 18.81 -19.57
C ALA A 626 -8.28 19.12 -20.49
N ILE A 627 -7.08 18.84 -20.01
CA ILE A 627 -5.86 18.96 -20.82
C ILE A 627 -5.93 17.94 -21.95
N GLY A 628 -6.26 16.69 -21.60
CA GLY A 628 -6.43 15.61 -22.57
C GLY A 628 -7.38 15.99 -23.69
N ASP A 629 -8.53 16.53 -23.31
CA ASP A 629 -9.56 17.00 -24.26
C ASP A 629 -9.04 18.00 -25.32
N VAL A 630 -8.17 18.91 -24.92
CA VAL A 630 -7.55 19.87 -25.85
C VAL A 630 -6.45 19.19 -26.67
N VAL A 631 -5.48 18.61 -25.95
CA VAL A 631 -4.27 18.07 -26.57
C VAL A 631 -4.55 16.91 -27.52
N ASN A 632 -5.43 15.99 -27.12
CA ASN A 632 -5.68 14.78 -27.91
C ASN A 632 -6.43 15.01 -29.20
N HIS A 633 -7.05 16.18 -29.35
CA HIS A 633 -7.83 16.50 -30.55
C HIS A 633 -7.24 17.61 -31.41
N ASP A 634 -6.03 18.08 -31.06
CA ASP A 634 -5.36 19.13 -31.82
C ASP A 634 -4.64 18.46 -33.00
N PRO A 635 -5.07 18.75 -34.26
CA PRO A 635 -4.46 18.10 -35.42
C PRO A 635 -2.99 18.45 -35.66
N VAL A 636 -2.56 19.63 -35.22
CA VAL A 636 -1.18 20.05 -35.36
C VAL A 636 -0.24 19.23 -34.44
N VAL A 637 -0.73 18.83 -33.27
CA VAL A 637 0.03 17.97 -32.38
C VAL A 637 0.22 16.58 -32.96
N GLY A 638 -0.85 16.01 -33.49
CA GLY A 638 -0.82 14.67 -34.10
C GLY A 638 -0.66 13.61 -33.02
N ASP A 639 0.13 12.57 -33.33
CA ASP A 639 0.42 11.52 -32.35
C ASP A 639 1.76 11.75 -31.63
N ARG A 640 2.22 13.00 -31.57
CA ARG A 640 3.45 13.34 -30.88
C ARG A 640 3.24 13.54 -29.36
N LEU A 641 2.00 13.83 -28.95
CA LEU A 641 1.68 13.99 -27.53
C LEU A 641 0.24 13.56 -27.27
N ARG A 642 0.07 12.65 -26.32
CA ARG A 642 -1.25 12.21 -25.89
C ARG A 642 -1.26 12.24 -24.36
N VAL A 643 -2.39 12.64 -23.78
CA VAL A 643 -2.57 12.67 -22.31
C VAL A 643 -3.77 11.79 -21.95
N ILE A 644 -3.51 10.71 -21.20
CA ILE A 644 -4.52 9.73 -20.83
C ILE A 644 -4.69 9.74 -19.31
N PHE A 645 -5.93 9.85 -18.83
CA PHE A 645 -6.21 9.59 -17.43
C PHE A 645 -6.58 8.11 -17.29
N LEU A 646 -5.80 7.37 -16.51
CA LEU A 646 -6.01 5.94 -16.33
C LEU A 646 -7.02 5.70 -15.22
N GLU A 647 -8.24 5.36 -15.63
CA GLU A 647 -9.40 5.21 -14.76
C GLU A 647 -9.28 3.99 -13.85
N ASN A 648 -9.69 4.16 -12.59
CA ASN A 648 -9.76 3.06 -11.62
C ASN A 648 -8.43 2.31 -11.33
N TYR A 649 -7.39 3.11 -11.11
CA TYR A 649 -6.09 2.59 -10.74
C TYR A 649 -6.20 1.79 -9.44
N ARG A 650 -5.64 0.59 -9.49
CA ARG A 650 -5.76 -0.40 -8.44
C ARG A 650 -4.66 -1.45 -8.71
N VAL A 651 -4.57 -2.46 -7.85
CA VAL A 651 -3.44 -3.42 -7.95
C VAL A 651 -3.42 -4.12 -9.32
N SER A 652 -4.55 -4.62 -9.78
CA SER A 652 -4.57 -5.34 -11.06
C SER A 652 -4.17 -4.43 -12.24
N LEU A 653 -4.53 -3.15 -12.19
CA LEU A 653 -4.10 -2.20 -13.22
C LEU A 653 -2.61 -1.84 -13.11
N ALA A 654 -2.07 -1.77 -11.89
CA ALA A 654 -0.63 -1.56 -11.69
C ALA A 654 0.21 -2.68 -12.32
N GLU A 655 -0.30 -3.91 -12.19
CA GLU A 655 0.35 -5.06 -12.77
C GLU A 655 0.45 -5.00 -14.29
N LYS A 656 -0.50 -4.32 -14.93
CA LYS A 656 -0.50 -4.11 -16.38
C LYS A 656 0.35 -2.92 -16.83
N VAL A 657 0.17 -1.78 -16.18
CA VAL A 657 0.82 -0.55 -16.63
C VAL A 657 2.32 -0.43 -16.28
N ILE A 658 2.72 -0.88 -15.10
CA ILE A 658 4.10 -0.73 -14.66
C ILE A 658 5.09 -1.48 -15.57
N PRO A 659 4.77 -2.70 -16.01
CA PRO A 659 5.71 -3.33 -16.97
C PRO A 659 5.81 -2.60 -18.32
N ALA A 660 4.79 -1.80 -18.67
CA ALA A 660 4.77 -1.03 -19.91
C ALA A 660 5.45 0.35 -19.85
N ALA A 661 5.79 0.82 -18.67
CA ALA A 661 6.31 2.18 -18.49
C ALA A 661 7.79 2.33 -18.92
N ASP A 662 8.09 3.50 -19.48
CA ASP A 662 9.46 3.93 -19.76
C ASP A 662 10.00 4.89 -18.71
N LEU A 663 9.17 5.82 -18.27
CA LEU A 663 9.53 6.88 -17.33
C LEU A 663 8.57 6.83 -16.17
N SER A 664 9.12 6.74 -14.96
CA SER A 664 8.40 6.74 -13.69
C SER A 664 8.49 8.12 -13.05
N GLU A 665 7.33 8.72 -12.79
CA GLU A 665 7.21 10.06 -12.20
C GLU A 665 7.08 9.94 -10.70
N GLN A 666 8.11 10.39 -10.00
CA GLN A 666 8.20 10.29 -8.54
C GLN A 666 8.63 11.66 -8.02
N ILE A 667 7.67 12.58 -8.00
CA ILE A 667 7.99 14.03 -8.00
C ILE A 667 7.38 14.80 -6.84
N SER A 668 7.20 14.12 -5.71
CA SER A 668 6.72 14.78 -4.50
C SER A 668 7.70 15.87 -4.02
N THR A 669 7.19 16.87 -3.33
CA THR A 669 8.08 17.87 -2.69
C THR A 669 8.98 17.22 -1.65
N ALA A 670 10.28 17.50 -1.72
CA ALA A 670 11.25 16.89 -0.82
C ALA A 670 10.80 17.03 0.64
N GLY A 671 10.86 15.91 1.36
CA GLY A 671 10.44 15.79 2.75
C GLY A 671 8.99 15.39 3.00
N THR A 672 8.23 15.07 1.95
CA THR A 672 6.80 14.79 2.14
C THR A 672 6.39 13.34 1.91
N GLU A 673 7.02 12.65 0.96
CA GLU A 673 6.68 11.24 0.67
C GLU A 673 7.53 10.39 1.58
N ALA A 674 6.94 9.71 2.56
CA ALA A 674 7.72 8.95 3.56
C ALA A 674 8.70 7.95 2.92
N SER A 675 8.20 7.14 2.00
CA SER A 675 9.04 6.23 1.21
C SER A 675 8.64 6.23 -0.24
N GLY A 676 7.39 5.90 -0.51
CA GLY A 676 6.96 5.51 -1.83
C GLY A 676 7.31 4.04 -2.02
N THR A 677 6.46 3.33 -2.76
CA THR A 677 6.73 1.94 -3.18
C THR A 677 6.45 1.68 -4.64
N GLY A 678 5.54 2.44 -5.24
CA GLY A 678 5.40 2.43 -6.71
C GLY A 678 6.75 2.69 -7.38
N ASN A 679 7.51 3.64 -6.84
CA ASN A 679 8.88 3.87 -7.32
C ASN A 679 9.73 2.59 -7.52
N MET A 680 9.67 1.68 -6.55
CA MET A 680 10.43 0.45 -6.56
C MET A 680 9.91 -0.52 -7.61
N LYS A 681 8.58 -0.54 -7.78
CA LYS A 681 7.91 -1.35 -8.79
C LYS A 681 8.41 -0.99 -10.17
N PHE A 682 8.50 0.30 -10.45
CA PHE A 682 8.97 0.78 -11.75
C PHE A 682 10.43 0.45 -12.01
N MET A 683 11.27 0.64 -11.00
CA MET A 683 12.71 0.32 -11.10
C MET A 683 12.94 -1.14 -11.51
N LEU A 684 12.17 -2.04 -10.92
CA LEU A 684 12.33 -3.47 -11.16
C LEU A 684 11.85 -3.90 -12.54
N ASN A 685 10.91 -3.14 -13.12
CA ASN A 685 10.30 -3.44 -14.41
C ASN A 685 10.80 -2.64 -15.60
N GLY A 686 11.94 -1.97 -15.44
CA GLY A 686 12.64 -1.41 -16.61
C GLY A 686 12.24 -0.02 -17.05
N ALA A 687 11.72 0.80 -16.12
CA ALA A 687 11.52 2.20 -16.37
C ALA A 687 12.65 2.97 -15.71
N LEU A 688 12.98 4.12 -16.28
CA LEU A 688 13.90 5.08 -15.66
C LEU A 688 13.06 5.99 -14.80
N THR A 689 13.69 6.59 -13.79
CA THR A 689 12.96 7.43 -12.84
C THR A 689 13.34 8.89 -12.96
N ILE A 690 12.32 9.75 -13.06
CA ILE A 690 12.50 11.19 -12.87
C ILE A 690 11.94 11.48 -11.48
N GLY A 691 12.79 11.99 -10.59
CA GLY A 691 12.33 12.22 -9.23
C GLY A 691 13.09 13.25 -8.44
N THR A 692 12.44 13.70 -7.38
CA THR A 692 13.06 14.48 -6.33
C THR A 692 13.81 13.58 -5.36
N MET A 693 14.71 14.18 -4.60
CA MET A 693 15.38 13.48 -3.52
C MET A 693 14.45 13.41 -2.31
N ASP A 694 13.45 12.53 -2.43
CA ASP A 694 12.43 12.35 -1.40
C ASP A 694 12.19 10.86 -1.18
N GLY A 695 11.86 10.49 0.05
CA GLY A 695 11.53 9.10 0.39
C GLY A 695 12.61 8.14 -0.04
N ALA A 696 12.21 6.98 -0.55
CA ALA A 696 13.18 5.96 -0.97
C ALA A 696 13.89 6.28 -2.31
N ASN A 697 13.43 7.30 -3.05
CA ASN A 697 14.16 7.79 -4.26
C ASN A 697 15.64 8.04 -3.97
N VAL A 698 15.91 8.60 -2.80
CA VAL A 698 17.29 8.87 -2.32
C VAL A 698 18.15 7.60 -2.35
N GLU A 699 17.63 6.53 -1.75
CA GLU A 699 18.30 5.24 -1.71
C GLU A 699 18.32 4.56 -3.07
N MET A 700 17.27 4.73 -3.86
CA MET A 700 17.29 4.16 -5.23
C MET A 700 18.43 4.77 -6.05
N ALA A 701 18.59 6.10 -5.95
CA ALA A 701 19.66 6.80 -6.66
C ALA A 701 21.03 6.42 -6.15
N GLU A 702 21.16 6.22 -4.84
CA GLU A 702 22.37 5.70 -4.23
C GLU A 702 22.76 4.32 -4.72
N GLU A 703 21.78 3.43 -4.85
CA GLU A 703 22.05 2.06 -5.35
C GLU A 703 22.42 2.02 -6.83
N ALA A 704 21.66 2.70 -7.68
CA ALA A 704 21.90 2.73 -9.13
C ALA A 704 23.05 3.66 -9.57
N GLY A 705 23.31 4.70 -8.79
CA GLY A 705 24.20 5.78 -9.18
C GLY A 705 23.39 6.98 -9.66
N GLU A 706 23.75 8.16 -9.19
CA GLU A 706 23.05 9.39 -9.63
C GLU A 706 23.10 9.63 -11.14
N GLU A 707 24.14 9.12 -11.80
CA GLU A 707 24.26 9.22 -13.29
C GLU A 707 23.18 8.42 -14.03
N ASN A 708 22.58 7.44 -13.34
CA ASN A 708 21.54 6.59 -13.94
C ASN A 708 20.12 6.89 -13.45
N PHE A 709 19.96 8.10 -12.91
CA PHE A 709 18.71 8.59 -12.35
C PHE A 709 18.51 10.04 -12.78
N PHE A 710 17.27 10.43 -13.02
CA PHE A 710 16.97 11.81 -13.43
C PHE A 710 16.50 12.57 -12.19
N ILE A 711 17.47 12.99 -11.38
CA ILE A 711 17.23 13.77 -10.15
C ILE A 711 17.10 15.26 -10.49
N PHE A 712 16.12 15.92 -9.87
CA PHE A 712 15.90 17.35 -10.05
C PHE A 712 15.32 17.95 -8.77
N GLY A 713 15.36 19.28 -8.69
CA GLY A 713 14.56 20.02 -7.73
C GLY A 713 15.20 20.23 -6.38
N MET A 714 14.45 20.90 -5.52
CA MET A 714 14.89 21.22 -4.19
C MET A 714 15.16 19.94 -3.40
N ARG A 715 16.20 19.99 -2.58
CA ARG A 715 16.40 19.05 -1.50
C ARG A 715 15.65 19.55 -0.27
N VAL A 716 15.55 18.69 0.74
CA VAL A 716 14.86 19.04 2.00
C VAL A 716 15.41 20.35 2.59
N GLU A 717 16.73 20.48 2.53
CA GLU A 717 17.47 21.65 3.05
C GLU A 717 17.04 22.92 2.33
N ASP A 718 16.84 22.82 1.00
CA ASP A 718 16.36 23.93 0.19
C ASP A 718 14.94 24.30 0.55
N VAL A 719 14.10 23.31 0.85
CA VAL A 719 12.72 23.58 1.21
C VAL A 719 12.66 24.39 2.51
N ASP A 720 13.46 23.98 3.51
CA ASP A 720 13.59 24.68 4.78
C ASP A 720 14.02 26.14 4.61
N ARG A 721 15.04 26.38 3.79
CA ARG A 721 15.51 27.76 3.53
C ARG A 721 14.42 28.62 2.91
N LEU A 722 13.67 28.05 1.97
CA LEU A 722 12.55 28.76 1.34
C LEU A 722 11.43 29.08 2.34
N ASP A 723 11.14 28.13 3.26
CA ASP A 723 10.17 28.35 4.34
C ASP A 723 10.57 29.45 5.35
N GLN A 724 11.85 29.51 5.69
CA GLN A 724 12.35 30.54 6.61
C GLN A 724 12.17 31.93 6.01
N ARG A 725 12.53 32.05 4.74
CA ARG A 725 12.41 33.28 3.99
C ARG A 725 10.96 33.64 3.64
N GLY A 726 10.14 32.65 3.32
CA GLY A 726 8.76 32.86 2.88
C GLY A 726 8.59 32.56 1.41
N TYR A 727 7.72 31.62 1.08
CA TYR A 727 7.48 31.21 -0.30
C TYR A 727 6.55 32.19 -1.01
N ASN A 728 7.08 32.89 -2.01
CA ASN A 728 6.29 33.80 -2.83
C ASN A 728 6.16 33.29 -4.26
N ALA A 729 5.03 32.66 -4.57
CA ALA A 729 4.81 32.09 -5.89
C ALA A 729 4.84 33.13 -7.02
N GLN A 730 4.38 34.36 -6.71
CA GLN A 730 4.38 35.46 -7.69
C GLN A 730 5.76 35.70 -8.31
N GLU A 731 6.81 35.54 -7.51
CA GLU A 731 8.19 35.68 -7.99
C GLU A 731 8.48 34.80 -9.20
N TYR A 732 8.05 33.54 -9.12
CA TYR A 732 8.26 32.58 -10.21
C TYR A 732 7.40 32.91 -11.41
N TYR A 733 6.16 33.34 -11.15
CA TYR A 733 5.25 33.79 -12.20
C TYR A 733 5.81 35.01 -12.95
N ASP A 734 6.39 35.96 -12.22
CA ASP A 734 6.97 37.17 -12.83
C ASP A 734 8.21 36.88 -13.67
N ARG A 735 8.98 35.86 -13.30
CA ARG A 735 10.31 35.61 -13.86
C ARG A 735 10.36 34.57 -14.98
N ILE A 736 9.31 33.77 -15.12
CA ILE A 736 9.32 32.64 -16.06
C ILE A 736 8.16 32.81 -17.03
N PRO A 737 8.43 33.38 -18.22
CA PRO A 737 7.36 33.59 -19.21
C PRO A 737 6.54 32.34 -19.54
N GLU A 738 7.19 31.19 -19.71
CA GLU A 738 6.47 29.95 -20.07
C GLU A 738 5.45 29.55 -18.99
N LEU A 739 5.83 29.70 -17.73
CA LEU A 739 4.90 29.49 -16.60
C LEU A 739 3.74 30.50 -16.56
N ARG A 740 4.04 31.76 -16.84
CA ARG A 740 3.00 32.81 -16.92
C ARG A 740 1.94 32.54 -17.98
N GLN A 741 2.38 32.10 -19.18
CA GLN A 741 1.44 31.71 -20.24
C GLN A 741 0.47 30.62 -19.79
N ILE A 742 1.01 29.60 -19.12
CA ILE A 742 0.21 28.47 -18.63
C ILE A 742 -0.85 28.94 -17.63
N ILE A 743 -0.44 29.78 -16.68
CA ILE A 743 -1.35 30.31 -15.67
C ILE A 743 -2.44 31.19 -16.29
N GLU A 744 -2.09 32.01 -17.28
CA GLU A 744 -3.07 32.82 -18.01
C GLU A 744 -4.05 31.97 -18.81
N GLN A 745 -3.57 30.86 -19.37
CA GLN A 745 -4.43 29.90 -20.07
C GLN A 745 -5.43 29.21 -19.14
N LEU A 746 -4.96 28.82 -17.95
CA LEU A 746 -5.82 28.27 -16.92
C LEU A 746 -6.91 29.27 -16.52
N SER A 747 -6.48 30.49 -16.20
CA SER A 747 -7.39 31.57 -15.77
C SER A 747 -8.43 32.00 -16.80
N SER A 748 -8.02 32.12 -18.06
CA SER A 748 -8.88 32.69 -19.12
C SER A 748 -9.92 31.74 -19.72
N GLY A 749 -9.83 30.44 -19.42
CA GLY A 749 -10.80 29.45 -19.93
C GLY A 749 -10.35 28.70 -21.18
N PHE A 750 -9.03 28.65 -21.41
CA PHE A 750 -8.47 27.93 -22.53
C PHE A 750 -8.80 26.44 -22.45
N PHE A 751 -8.70 25.86 -21.25
CA PHE A 751 -9.00 24.43 -21.04
C PHE A 751 -10.41 24.14 -20.53
N SER A 752 -11.26 25.16 -20.42
CA SER A 752 -12.67 24.98 -20.07
C SER A 752 -13.52 26.07 -20.75
N PRO A 753 -13.68 25.99 -22.10
CA PRO A 753 -14.37 27.04 -22.88
C PRO A 753 -15.74 27.48 -22.35
N LYS A 754 -16.59 26.51 -22.01
CA LYS A 754 -17.95 26.79 -21.55
C LYS A 754 -18.03 27.22 -20.07
N GLN A 755 -16.99 26.94 -19.31
CA GLN A 755 -16.90 27.33 -17.91
C GLN A 755 -15.54 27.99 -17.69
N PRO A 756 -15.38 29.26 -18.10
CA PRO A 756 -14.04 29.86 -18.11
C PRO A 756 -13.36 30.03 -16.74
N ASP A 757 -14.14 30.07 -15.66
CA ASP A 757 -13.60 30.18 -14.30
C ASP A 757 -13.50 28.82 -13.58
N LEU A 758 -13.58 27.72 -14.31
CA LEU A 758 -13.61 26.39 -13.70
C LEU A 758 -12.39 26.13 -12.79
N PHE A 759 -11.21 26.52 -13.25
CA PHE A 759 -9.97 26.21 -12.53
C PHE A 759 -9.44 27.35 -11.64
N LYS A 760 -10.29 28.32 -11.29
CA LYS A 760 -9.90 29.45 -10.43
C LYS A 760 -9.31 29.01 -9.09
N ASP A 761 -9.89 27.97 -8.49
CA ASP A 761 -9.41 27.44 -7.20
C ASP A 761 -8.00 26.87 -7.33
N ILE A 762 -7.70 26.24 -8.47
CA ILE A 762 -6.35 25.71 -8.73
C ILE A 762 -5.36 26.85 -8.85
N VAL A 763 -5.68 27.81 -9.71
CA VAL A 763 -4.83 29.00 -9.91
C VAL A 763 -4.62 29.75 -8.59
N ASN A 764 -5.72 29.98 -7.86
CA ASN A 764 -5.64 30.67 -6.57
C ASN A 764 -4.72 29.95 -5.58
N MET A 765 -4.82 28.61 -5.54
CA MET A 765 -3.96 27.82 -4.66
C MET A 765 -2.49 27.95 -5.06
N LEU A 766 -2.24 27.78 -6.36
CA LEU A 766 -0.88 27.89 -6.93
C LEU A 766 -0.22 29.24 -6.64
N MET A 767 -0.99 30.33 -6.80
CA MET A 767 -0.47 31.68 -6.61
C MET A 767 -0.35 32.14 -5.16
N HIS A 768 -1.23 31.68 -4.27
CA HIS A 768 -1.33 32.25 -2.92
C HIS A 768 -1.16 31.35 -1.70
N HIS A 769 -1.44 30.05 -1.81
CA HIS A 769 -1.29 29.16 -0.64
C HIS A 769 -0.97 27.71 -1.04
N ASP A 770 0.14 27.58 -1.73
CA ASP A 770 0.64 26.28 -2.16
C ASP A 770 1.66 25.83 -1.12
N ARG A 771 1.27 24.88 -0.29
CA ARG A 771 2.14 24.34 0.73
C ARG A 771 3.27 23.51 0.12
N PHE A 772 3.12 23.10 -1.14
CA PHE A 772 4.06 22.15 -1.75
C PHE A 772 4.96 22.70 -2.88
N LYS A 773 4.95 24.02 -3.05
CA LYS A 773 5.95 24.74 -3.83
C LYS A 773 6.13 24.21 -5.26
N VAL A 774 5.00 24.10 -5.97
CA VAL A 774 4.95 23.58 -7.34
C VAL A 774 5.81 24.43 -8.28
N PHE A 775 5.62 25.74 -8.25
CA PHE A 775 6.43 26.65 -9.08
C PHE A 775 7.92 26.63 -8.78
N ALA A 776 8.33 26.37 -7.53
CA ALA A 776 9.76 26.41 -7.18
C ALA A 776 10.59 25.34 -7.89
N ASP A 777 9.97 24.21 -8.25
CA ASP A 777 10.69 23.12 -8.93
C ASP A 777 10.42 23.06 -10.44
N TYR A 778 9.60 23.96 -10.95
CA TYR A 778 9.14 23.92 -12.35
C TYR A 778 10.27 24.01 -13.35
N GLU A 779 11.14 25.01 -13.23
CA GLU A 779 12.23 25.19 -14.22
C GLU A 779 13.16 23.97 -14.27
N GLU A 780 13.59 23.50 -13.10
CA GLU A 780 14.48 22.33 -13.01
C GLU A 780 13.81 21.05 -13.54
N TYR A 781 12.53 20.88 -13.25
CA TYR A 781 11.75 19.74 -13.76
C TYR A 781 11.69 19.72 -15.29
N VAL A 782 11.40 20.87 -15.88
CA VAL A 782 11.29 21.00 -17.33
C VAL A 782 12.65 20.72 -17.99
N LYS A 783 13.72 21.32 -17.50
CA LYS A 783 15.09 21.01 -17.97
C LYS A 783 15.41 19.53 -17.90
N CYS A 784 15.13 18.93 -16.74
CA CYS A 784 15.38 17.50 -16.53
C CYS A 784 14.60 16.61 -17.53
N GLN A 785 13.35 16.98 -17.80
CA GLN A 785 12.52 16.27 -18.77
C GLN A 785 13.13 16.33 -20.17
N GLU A 786 13.78 17.46 -20.50
CA GLU A 786 14.52 17.56 -21.77
C GLU A 786 15.68 16.58 -21.82
N ARG A 787 16.36 16.37 -20.69
CA ARG A 787 17.43 15.38 -20.64
C ARG A 787 16.89 13.93 -20.83
N VAL A 788 15.69 13.67 -20.32
CA VAL A 788 15.01 12.39 -20.54
C VAL A 788 14.75 12.12 -22.02
N SER A 789 14.16 13.10 -22.68
CA SER A 789 13.86 13.04 -24.11
C SER A 789 15.12 12.88 -24.96
N ALA A 790 16.20 13.57 -24.58
CA ALA A 790 17.51 13.43 -25.24
C ALA A 790 18.04 11.99 -25.19
N LEU A 791 17.96 11.36 -24.03
CA LEU A 791 18.44 9.97 -23.87
C LEU A 791 17.55 8.97 -24.61
N TYR A 792 16.24 9.25 -24.65
CA TYR A 792 15.31 8.33 -25.31
C TYR A 792 15.56 8.25 -26.85
N LYS A 793 16.10 9.32 -27.44
CA LYS A 793 16.52 9.31 -28.86
C LYS A 793 17.66 8.35 -29.19
N ASN A 794 18.39 7.86 -28.18
CA ASN A 794 19.44 6.86 -28.33
C ASN A 794 19.02 5.56 -27.62
N PRO A 795 18.18 4.73 -28.29
CA PRO A 795 17.66 3.49 -27.67
C PRO A 795 18.71 2.62 -26.98
N ARG A 796 19.90 2.51 -27.54
CA ARG A 796 20.95 1.67 -26.95
C ARG A 796 21.40 2.19 -25.58
N GLU A 797 21.64 3.51 -25.48
CA GLU A 797 22.08 4.07 -24.21
C GLU A 797 20.94 4.16 -23.18
N TRP A 798 19.72 4.39 -23.64
CA TRP A 798 18.52 4.27 -22.79
C TRP A 798 18.46 2.88 -22.13
N THR A 799 18.51 1.84 -22.97
CA THR A 799 18.47 0.47 -22.49
C THR A 799 19.62 0.15 -21.56
N ARG A 800 20.82 0.64 -21.87
CA ARG A 800 21.97 0.39 -20.98
C ARG A 800 21.74 0.98 -19.57
N MET A 801 21.21 2.19 -19.51
CA MET A 801 20.86 2.80 -18.22
C MET A 801 19.77 1.99 -17.48
N VAL A 802 18.79 1.52 -18.22
CA VAL A 802 17.74 0.62 -17.70
C VAL A 802 18.36 -0.58 -17.02
N ILE A 803 19.31 -1.24 -17.69
CA ILE A 803 19.96 -2.43 -17.10
C ILE A 803 20.65 -2.10 -15.79
N ARG A 804 21.31 -0.95 -15.71
CA ARG A 804 21.93 -0.50 -14.47
C ARG A 804 20.93 -0.24 -13.31
N ASN A 805 19.72 0.22 -13.65
CA ASN A 805 18.63 0.30 -12.64
C ASN A 805 18.12 -1.09 -12.19
N ILE A 806 17.79 -1.95 -13.15
CA ILE A 806 17.28 -3.30 -12.80
C ILE A 806 18.30 -4.07 -11.97
N ALA A 807 19.57 -3.99 -12.38
CA ALA A 807 20.63 -4.71 -11.69
C ALA A 807 20.89 -4.27 -10.25
N THR A 808 20.52 -3.03 -9.91
CA THR A 808 20.72 -2.49 -8.56
C THR A 808 19.42 -2.33 -7.76
N SER A 809 18.33 -2.93 -8.23
CA SER A 809 17.02 -2.88 -7.53
C SER A 809 16.88 -3.87 -6.37
N GLY A 810 17.89 -4.74 -6.17
CA GLY A 810 17.86 -5.79 -5.17
C GLY A 810 17.53 -5.39 -3.74
N LYS A 811 18.10 -4.27 -3.28
CA LYS A 811 17.86 -3.78 -1.93
C LYS A 811 16.36 -3.56 -1.62
N PHE A 812 15.56 -3.36 -2.65
CA PHE A 812 14.15 -3.02 -2.50
C PHE A 812 13.18 -4.19 -2.53
N SER A 813 13.72 -5.41 -2.41
CA SER A 813 12.89 -6.58 -2.09
C SER A 813 12.38 -6.44 -0.68
N SER A 814 11.08 -6.69 -0.50
CA SER A 814 10.54 -6.81 0.85
C SER A 814 11.05 -8.01 1.64
N ASP A 815 11.73 -8.96 0.98
CA ASP A 815 12.46 -9.98 1.74
C ASP A 815 13.60 -9.37 2.59
N ARG A 816 14.32 -8.41 2.03
CA ARG A 816 15.36 -7.69 2.77
C ARG A 816 14.71 -6.90 3.90
N THR A 817 13.63 -6.19 3.60
CA THR A 817 12.92 -5.41 4.61
C THR A 817 12.46 -6.30 5.80
N ILE A 818 11.80 -7.42 5.49
CA ILE A 818 11.31 -8.31 6.54
C ILE A 818 12.44 -8.96 7.33
N ALA A 819 13.52 -9.38 6.67
CA ALA A 819 14.65 -9.94 7.43
C ALA A 819 15.20 -8.92 8.43
N GLN A 820 15.16 -7.63 8.09
CA GLN A 820 15.60 -6.59 9.03
C GLN A 820 14.63 -6.43 10.20
N TYR A 821 13.32 -6.38 9.92
CA TYR A 821 12.31 -6.38 10.97
C TYR A 821 12.50 -7.56 11.93
N ALA A 822 12.69 -8.73 11.36
CA ALA A 822 12.85 -9.98 12.12
C ALA A 822 14.03 -9.92 13.07
N ARG A 823 15.19 -9.55 12.53
CA ARG A 823 16.44 -9.53 13.31
C ARG A 823 16.52 -8.35 14.27
N GLU A 824 16.09 -7.16 13.85
CA GLU A 824 16.34 -5.93 14.60
C GLU A 824 15.17 -5.46 15.48
N ILE A 825 13.97 -6.00 15.25
CA ILE A 825 12.78 -5.63 16.04
C ILE A 825 12.14 -6.86 16.72
N TRP A 826 11.83 -7.89 15.94
CA TRP A 826 11.07 -9.05 16.45
C TRP A 826 11.92 -10.08 17.19
N GLY A 827 13.21 -10.10 16.92
CA GLY A 827 14.12 -11.07 17.54
C GLY A 827 13.87 -12.50 17.11
N VAL A 828 13.74 -12.71 15.80
CA VAL A 828 13.62 -14.04 15.20
C VAL A 828 14.52 -14.12 13.97
N GLU A 829 14.95 -15.34 13.66
CA GLU A 829 15.78 -15.58 12.47
C GLU A 829 14.91 -16.09 11.32
N PRO A 830 14.99 -15.45 10.13
CA PRO A 830 14.35 -16.04 8.96
C PRO A 830 15.01 -17.35 8.49
N SER A 831 14.24 -18.16 7.76
CA SER A 831 14.70 -19.44 7.21
C SER A 831 14.24 -19.55 5.76
N ARG A 832 15.11 -20.02 4.87
CA ARG A 832 14.72 -20.33 3.49
C ARG A 832 14.44 -21.83 3.27
N GLN A 833 14.51 -22.64 4.33
CA GLN A 833 14.34 -24.08 4.20
C GLN A 833 12.88 -24.49 3.92
N ARG A 834 12.73 -25.47 3.03
CA ARG A 834 11.43 -26.07 2.68
C ARG A 834 10.83 -26.79 3.90
N LEU A 835 9.51 -26.72 4.02
CA LEU A 835 8.75 -27.70 4.80
C LEU A 835 8.50 -28.89 3.87
N PRO A 836 8.34 -30.10 4.44
CA PRO A 836 8.03 -31.27 3.59
C PRO A 836 6.63 -31.18 2.98
N ALA A 837 6.54 -31.47 1.68
CA ALA A 837 5.28 -31.39 0.93
C ALA A 837 4.34 -32.56 1.26
N1 PLP B . -1.68 2.06 -5.15
C2 PLP B . -1.50 0.87 -5.75
C2A PLP B . -2.62 0.09 -6.38
C3 PLP B . -0.18 0.25 -5.78
O3 PLP B . 0.01 -0.96 -6.37
C4 PLP B . 0.94 0.96 -5.15
C4A PLP B . 2.35 0.42 -5.15
C5 PLP B . 0.63 2.28 -4.53
C6 PLP B . -0.67 2.75 -4.55
C5A PLP B . 1.74 3.08 -3.88
O4P PLP B . 2.18 3.98 -4.87
P PLP B . 3.10 5.25 -4.44
O1P PLP B . 3.54 5.68 -5.82
O2P PLP B . 2.17 6.18 -3.76
O3P PLP B . 4.23 4.76 -3.61
C14 4D1 C . -5.50 7.00 7.19
C5 4D1 C . -2.75 5.58 3.85
C11 4D1 C . -8.20 6.35 6.86
C7 4D1 C . -3.60 6.11 5.01
C8 4D1 C . -5.06 5.83 5.04
C9 4D1 C . -5.92 6.27 6.05
C10 4D1 C . -7.27 5.95 5.90
C12 4D1 C . -7.81 7.06 7.99
C13 4D1 C . -6.46 7.40 8.14
N1 4D1 C . 0.77 5.93 3.37
C16 4D1 C . -9.17 8.88 8.63
C15 4D1 C . -8.80 7.45 8.95
C17 4D1 C . -8.32 7.36 10.41
O6 4D1 C . -3.27 4.99 2.89
N4 4D1 C . -1.45 5.93 3.98
C2 4D1 C . -0.48 5.54 3.09
O3 4D1 C . -0.71 4.82 2.12
C1' 4D1 C . 1.94 5.57 2.56
O5' 4D1 C . 2.56 4.44 3.20
C5' 4D1 C . 3.51 3.84 2.32
C6' 4D1 C . 4.09 2.56 2.88
O6' 4D1 C . 4.93 2.94 3.98
C4' 4D1 C . 4.65 4.88 1.97
O4' 4D1 C . 5.53 4.30 0.97
C3' 4D1 C . 4.08 6.20 1.53
O3' 4D1 C . 5.16 7.15 1.51
C2' 4D1 C . 2.97 6.68 2.51
O2' 4D1 C . 2.37 7.89 2.03
P IMP D . -5.01 -21.75 15.52
O1P IMP D . -3.87 -20.93 14.94
O2P IMP D . -4.78 -22.22 16.93
O3P IMP D . -6.38 -21.17 15.27
O5' IMP D . -5.03 -23.07 14.59
C5' IMP D . -3.93 -23.97 14.50
C4' IMP D . -4.23 -25.17 15.38
O4' IMP D . -3.03 -25.69 15.96
C3' IMP D . -4.96 -26.37 14.73
O3' IMP D . -5.17 -26.25 13.32
C2' IMP D . -4.12 -27.58 15.12
O2' IMP D . -3.34 -28.07 14.02
C1' IMP D . -3.21 -27.07 16.24
N9 IMP D . -3.86 -27.27 17.58
C8 IMP D . -4.36 -26.32 18.42
N7 IMP D . -4.87 -26.88 19.53
C5 IMP D . -4.69 -28.22 19.45
C6 IMP D . -4.99 -29.40 20.28
O6 IMP D . -5.57 -29.25 21.39
N1 IMP D . -4.64 -30.61 19.82
C2 IMP D . -4.02 -30.78 18.63
N3 IMP D . -3.72 -29.75 17.82
C4 IMP D . -4.02 -28.46 18.15
#